data_7XB2
#
_entry.id   7XB2
#
_cell.length_a   1.00
_cell.length_b   1.00
_cell.length_c   1.00
_cell.angle_alpha   90.00
_cell.angle_beta   90.00
_cell.angle_gamma   90.00
#
_symmetry.space_group_name_H-M   'P 1'
#
loop_
_entity.id
_entity.type
_entity.pdbx_description
1 polymer 'Genome polyprotein'
2 polymer 'Genome polyprotein'
3 polymer 'Genome polyprotein'
#
loop_
_entity_poly.entity_id
_entity_poly.type
_entity_poly.pdbx_seq_one_letter_code
_entity_poly.pdbx_strand_id
1 'polypeptide(L)'
;QTRHVKNYHSRSESTVENFLCRSACVFYTTYRNHGTDGDNFGYWVISTRQVAQLRRKLEMFTYARFDLELTFVITSTQEQ
STIQGQDSPVLTHQIMYVPPGGPVPTKVNSYSWQTSTNPSVFWTEGSAPPRMSIPFISIGNAYSMFYDGWAKFDKQGTYG
INTLNNMGTLYMRHVNDGSPGPIVSTVRIYFKPKHVKTWVPRPPRLCQYQKAGNVNFEPTGVTESRTDITTMQ
;
1
2 'polypeptide(L)'
;RVRSITLGNSTITTQECANVVVGYGVWPTYLNDDEATAEDQPTQPDVATCRFYTLESVMWQQSSPGWWWKFPDALSNMGL
FGQNMQYHYLGRAGYTVHVQCNASKFHQGCLLVVCVPEAEMGCATLANKPDQKSLSNGETANMFESQNSTGQTAVQANVI
NAGMGVGVGNLTIFPHQWINLRTNNSATIVMPYINSVPMDNMFRHNNFTLMIIPFAPLSYSTGATTYVPITVTVAPMCAE
YNGLRLAG
;
2
3 'polypeptide(L)'
;GLPTMLTPGSNQFLTSDDFQSPSAMPQFDVTPEMDIPGQVNNLMEIAEVDSVVPVNNTEGKVLSIESYQIPVQSNSTNGS
QVFGFPLMPGASSVLNRTLLGEILNYYTHWSGSIKLTFMFCGSAMATGKFLLAYSPPGAGAPTTRKEAMLGTHVIWDVGL
QSSCVLCIPWISQTHYRYVVVDEYTAGGYITCWYQTNIVVPADTQSDCKILCFVSACNDFSVRMLKDTPFIKQDNFYQ
;
3
#
# COMPACT_ATOMS: atom_id res chain seq x y z
N GLN A 1 12.19 7.14 -29.15
CA GLN A 1 11.04 6.26 -29.25
C GLN A 1 9.79 6.90 -28.66
N THR A 2 8.63 6.39 -29.05
CA THR A 2 7.33 6.84 -28.52
C THR A 2 7.20 8.36 -28.60
N ARG A 3 7.13 8.83 -29.84
CA ARG A 3 7.01 10.26 -30.11
C ARG A 3 5.73 10.81 -29.47
N HIS A 4 5.67 12.14 -29.38
CA HIS A 4 4.53 12.80 -28.78
C HIS A 4 3.28 12.59 -29.64
N VAL A 5 2.23 12.04 -29.02
CA VAL A 5 0.98 11.76 -29.69
C VAL A 5 -0.15 12.44 -28.92
N LYS A 6 -1.33 12.48 -29.53
CA LYS A 6 -2.47 13.14 -28.92
C LYS A 6 -2.95 12.36 -27.70
N ASN A 7 -3.35 13.10 -26.67
CA ASN A 7 -3.86 12.51 -25.43
C ASN A 7 -5.37 12.39 -25.53
N TYR A 8 -5.87 11.16 -25.56
CA TYR A 8 -7.30 10.91 -25.63
C TYR A 8 -7.92 10.61 -24.27
N HIS A 9 -7.16 10.73 -23.18
CA HIS A 9 -7.67 10.63 -21.82
C HIS A 9 -8.39 9.30 -21.58
N SER A 10 -7.81 8.22 -22.10
CA SER A 10 -8.35 6.88 -21.93
C SER A 10 -8.05 6.41 -20.52
N ARG A 11 -9.09 6.33 -19.68
CA ARG A 11 -9.01 5.77 -18.34
C ARG A 11 -9.47 4.32 -18.31
N SER A 12 -9.64 3.72 -19.50
CA SER A 12 -10.40 2.48 -19.62
C SER A 12 -9.76 1.35 -18.82
N GLU A 13 -8.47 1.09 -19.05
CA GLU A 13 -7.84 -0.03 -18.35
C GLU A 13 -7.03 0.40 -17.14
N SER A 14 -7.17 1.66 -16.71
CA SER A 14 -6.62 2.04 -15.42
C SER A 14 -7.54 1.65 -14.27
N THR A 15 -8.73 1.13 -14.55
CA THR A 15 -9.63 0.68 -13.51
C THR A 15 -9.05 -0.56 -12.83
N VAL A 16 -9.50 -0.77 -11.58
CA VAL A 16 -9.01 -1.91 -10.80
C VAL A 16 -9.35 -3.23 -11.48
N GLU A 17 -10.50 -3.29 -12.15
CA GLU A 17 -10.89 -4.52 -12.83
C GLU A 17 -9.89 -4.86 -13.94
N ASN A 18 -9.62 -3.91 -14.84
CA ASN A 18 -8.65 -4.16 -15.89
C ASN A 18 -7.23 -4.20 -15.37
N PHE A 19 -6.97 -3.64 -14.19
CA PHE A 19 -5.64 -3.68 -13.59
C PHE A 19 -5.32 -5.02 -12.96
N LEU A 20 -6.32 -5.71 -12.40
CA LEU A 20 -6.08 -6.96 -11.68
C LEU A 20 -6.64 -8.19 -12.37
N CYS A 21 -7.68 -8.06 -13.20
CA CYS A 21 -8.29 -9.21 -13.86
C CYS A 21 -7.43 -9.61 -15.07
N ARG A 22 -6.19 -9.99 -14.76
CA ARG A 22 -5.23 -10.49 -15.73
C ARG A 22 -4.87 -11.92 -15.38
N SER A 23 -4.88 -12.81 -16.36
CA SER A 23 -4.57 -14.22 -16.13
C SER A 23 -3.07 -14.40 -16.03
N ALA A 24 -2.59 -14.75 -14.84
CA ALA A 24 -1.17 -14.91 -14.57
C ALA A 24 -0.88 -16.31 -14.09
N CYS A 25 0.28 -16.85 -14.49
CA CYS A 25 0.73 -18.15 -14.02
C CYS A 25 1.28 -18.02 -12.62
N VAL A 26 0.65 -18.70 -11.66
CA VAL A 26 1.03 -18.58 -10.26
C VAL A 26 1.71 -19.82 -9.71
N PHE A 27 1.65 -20.95 -10.41
CA PHE A 27 2.16 -22.20 -9.87
C PHE A 27 2.31 -23.22 -10.98
N TYR A 28 3.30 -24.09 -10.82
CA TYR A 28 3.47 -25.24 -11.70
C TYR A 28 4.20 -26.33 -10.93
N THR A 29 3.71 -27.56 -11.06
CA THR A 29 4.29 -28.69 -10.36
C THR A 29 4.20 -29.93 -11.24
N THR A 30 5.01 -30.93 -10.91
CA THR A 30 5.07 -32.17 -11.66
C THR A 30 4.69 -33.33 -10.76
N TYR A 31 4.02 -34.33 -11.33
CA TYR A 31 3.69 -35.55 -10.62
C TYR A 31 3.74 -36.72 -11.59
N ARG A 32 4.18 -37.87 -11.09
CA ARG A 32 4.38 -39.05 -11.92
C ARG A 32 3.14 -39.93 -11.92
N ASN A 33 3.04 -40.78 -12.94
CA ASN A 33 1.94 -41.73 -13.01
C ASN A 33 2.12 -42.86 -11.99
N HIS A 34 3.36 -43.28 -11.77
CA HIS A 34 3.70 -44.24 -10.73
C HIS A 34 4.49 -43.53 -9.64
N GLY A 35 4.18 -43.88 -8.39
CA GLY A 35 4.81 -43.24 -7.25
C GLY A 35 5.46 -44.25 -6.32
N THR A 36 6.53 -43.80 -5.68
CA THR A 36 7.27 -44.67 -4.77
C THR A 36 6.43 -45.05 -3.56
N ASP A 37 5.78 -44.07 -2.93
CA ASP A 37 4.98 -44.31 -1.72
C ASP A 37 3.66 -43.57 -1.81
N GLY A 38 3.05 -43.56 -3.00
CA GLY A 38 1.77 -42.91 -3.16
C GLY A 38 1.81 -41.41 -3.01
N ASP A 39 2.98 -40.80 -3.20
CA ASP A 39 3.14 -39.35 -3.13
C ASP A 39 3.18 -38.70 -4.49
N ASN A 40 2.82 -39.42 -5.55
CA ASN A 40 2.89 -38.90 -6.91
C ASN A 40 1.64 -38.08 -7.21
N PHE A 41 1.57 -36.91 -6.56
CA PHE A 41 0.48 -35.98 -6.77
C PHE A 41 0.97 -34.57 -6.48
N GLY A 42 0.42 -33.60 -7.19
CA GLY A 42 0.76 -32.21 -7.01
C GLY A 42 -0.29 -31.49 -6.18
N TYR A 43 0.12 -30.41 -5.52
CA TYR A 43 -0.80 -29.64 -4.70
C TYR A 43 -0.30 -28.21 -4.60
N TRP A 44 -1.25 -27.30 -4.39
CA TRP A 44 -0.93 -25.88 -4.24
C TRP A 44 -1.98 -25.25 -3.35
N VAL A 45 -1.56 -24.73 -2.19
CA VAL A 45 -2.44 -23.90 -1.40
C VAL A 45 -2.65 -22.58 -2.12
N ILE A 46 -3.90 -22.21 -2.34
CA ILE A 46 -4.23 -21.00 -3.10
C ILE A 46 -3.81 -19.78 -2.30
N SER A 47 -2.76 -19.10 -2.77
CA SER A 47 -2.28 -17.87 -2.16
C SER A 47 -1.93 -16.89 -3.25
N THR A 48 -2.10 -15.60 -2.95
CA THR A 48 -1.77 -14.53 -3.88
C THR A 48 -0.43 -13.87 -3.57
N ARG A 49 0.39 -14.50 -2.73
CA ARG A 49 1.62 -13.89 -2.24
C ARG A 49 2.87 -14.66 -2.65
N GLN A 50 2.78 -15.50 -3.67
CA GLN A 50 3.95 -16.26 -4.12
C GLN A 50 4.59 -15.63 -5.36
N VAL A 51 3.79 -15.16 -6.30
CA VAL A 51 4.30 -14.43 -7.45
C VAL A 51 4.43 -12.96 -7.09
N ALA A 52 5.66 -12.43 -7.21
CA ALA A 52 5.95 -11.09 -6.71
C ALA A 52 5.26 -9.99 -7.49
N GLN A 53 4.83 -10.24 -8.72
CA GLN A 53 4.16 -9.21 -9.51
C GLN A 53 2.69 -9.10 -9.13
N LEU A 54 1.97 -10.22 -9.16
CA LEU A 54 0.58 -10.23 -8.74
C LEU A 54 0.47 -9.84 -7.27
N ARG A 55 1.42 -10.27 -6.44
CA ARG A 55 1.40 -9.88 -5.04
C ARG A 55 1.52 -8.37 -4.89
N ARG A 56 2.44 -7.74 -5.62
CA ARG A 56 2.58 -6.30 -5.54
C ARG A 56 1.31 -5.59 -6.01
N LYS A 57 0.75 -6.04 -7.14
CA LYS A 57 -0.45 -5.42 -7.66
C LYS A 57 -1.62 -5.52 -6.69
N LEU A 58 -1.76 -6.67 -6.03
CA LEU A 58 -2.85 -6.84 -5.07
C LEU A 58 -2.58 -6.08 -3.77
N GLU A 59 -1.31 -6.03 -3.34
CA GLU A 59 -0.94 -5.33 -2.12
C GLU A 59 -0.91 -3.82 -2.29
N MET A 60 -1.08 -3.32 -3.51
CA MET A 60 -1.37 -1.89 -3.65
C MET A 60 -2.73 -1.51 -3.07
N PHE A 61 -3.46 -2.47 -2.49
CA PHE A 61 -4.73 -2.22 -1.82
C PHE A 61 -4.73 -2.96 -0.49
N THR A 62 -5.59 -2.51 0.42
CA THR A 62 -5.66 -3.13 1.75
C THR A 62 -6.66 -4.28 1.79
N TYR A 63 -7.84 -4.09 1.20
CA TYR A 63 -8.89 -5.10 1.18
C TYR A 63 -9.33 -5.34 -0.25
N ALA A 64 -9.59 -6.61 -0.57
CA ALA A 64 -10.02 -6.98 -1.90
C ALA A 64 -11.13 -8.02 -1.80
N ARG A 65 -11.89 -8.15 -2.88
CA ARG A 65 -13.02 -9.06 -2.96
C ARG A 65 -13.16 -9.51 -4.41
N PHE A 66 -12.76 -10.72 -4.70
CA PHE A 66 -12.74 -11.20 -6.08
C PHE A 66 -13.06 -12.68 -6.13
N ASP A 67 -13.33 -13.16 -7.33
CA ASP A 67 -13.54 -14.58 -7.61
C ASP A 67 -12.25 -15.19 -8.16
N LEU A 68 -12.11 -16.49 -7.97
CA LEU A 68 -10.89 -17.20 -8.35
C LEU A 68 -11.19 -18.02 -9.60
N GLU A 69 -10.89 -17.48 -10.77
CA GLU A 69 -11.01 -18.22 -12.03
C GLU A 69 -9.67 -18.89 -12.33
N LEU A 70 -9.62 -20.19 -12.14
CA LEU A 70 -8.39 -20.96 -12.30
C LEU A 70 -8.44 -21.76 -13.59
N THR A 71 -7.36 -21.69 -14.36
CA THR A 71 -7.21 -22.47 -15.57
C THR A 71 -5.95 -23.32 -15.45
N PHE A 72 -6.06 -24.59 -15.81
CA PHE A 72 -4.99 -25.55 -15.63
C PHE A 72 -4.52 -26.04 -16.98
N VAL A 73 -3.21 -25.97 -17.22
CA VAL A 73 -2.64 -26.43 -18.48
C VAL A 73 -1.82 -27.68 -18.22
N ILE A 74 -2.46 -28.85 -18.36
CA ILE A 74 -1.81 -30.12 -18.05
C ILE A 74 -1.19 -30.68 -19.33
N THR A 75 0.12 -30.91 -19.29
CA THR A 75 0.84 -31.54 -20.38
C THR A 75 1.64 -32.69 -19.82
N SER A 76 1.56 -33.85 -20.46
CA SER A 76 2.26 -35.06 -20.02
C SER A 76 3.37 -35.38 -21.02
N THR A 77 4.53 -35.73 -20.49
CA THR A 77 5.65 -36.18 -21.31
C THR A 77 6.10 -37.56 -20.83
N GLN A 78 6.47 -38.41 -21.78
CA GLN A 78 6.90 -39.76 -21.48
C GLN A 78 8.39 -39.75 -21.19
N GLU A 79 8.78 -40.23 -20.01
CA GLU A 79 10.18 -40.27 -19.64
C GLU A 79 10.88 -41.46 -20.28
N GLN A 80 12.21 -41.36 -20.35
CA GLN A 80 13.01 -42.44 -20.93
C GLN A 80 13.07 -43.63 -19.98
N SER A 81 12.90 -44.82 -20.53
CA SER A 81 12.94 -46.04 -19.74
C SER A 81 13.20 -47.22 -20.68
N THR A 82 13.42 -48.38 -20.08
CA THR A 82 13.64 -49.60 -20.85
C THR A 82 12.35 -50.35 -21.18
N ILE A 83 11.21 -49.87 -20.69
CA ILE A 83 9.93 -50.50 -21.03
C ILE A 83 9.63 -50.29 -22.49
N GLN A 84 9.28 -51.38 -23.19
CA GLN A 84 9.03 -51.36 -24.61
C GLN A 84 7.58 -51.71 -24.90
N GLY A 85 7.07 -51.19 -26.02
CA GLY A 85 5.69 -51.47 -26.39
C GLY A 85 4.66 -50.93 -25.41
N GLN A 86 4.82 -49.66 -25.00
CA GLN A 86 3.94 -49.10 -23.98
C GLN A 86 2.52 -48.97 -24.50
N ASP A 87 2.33 -48.17 -25.56
CA ASP A 87 1.01 -47.93 -26.16
C ASP A 87 0.01 -47.46 -25.10
N SER A 88 0.29 -46.30 -24.55
CA SER A 88 -0.55 -45.74 -23.48
C SER A 88 -1.86 -45.24 -24.05
N PRO A 89 -3.01 -45.65 -23.48
CA PRO A 89 -4.27 -44.99 -23.84
C PRO A 89 -4.29 -43.55 -23.35
N VAL A 90 -5.35 -42.81 -23.69
CA VAL A 90 -5.42 -41.40 -23.34
C VAL A 90 -5.45 -41.25 -21.82
N LEU A 91 -4.82 -40.18 -21.33
CA LEU A 91 -4.64 -39.95 -19.90
C LEU A 91 -5.72 -39.02 -19.36
N THR A 92 -6.28 -39.39 -18.21
CA THR A 92 -7.27 -38.57 -17.51
C THR A 92 -6.67 -38.07 -16.21
N HIS A 93 -6.91 -36.80 -15.91
CA HIS A 93 -6.40 -36.17 -14.70
C HIS A 93 -7.56 -35.72 -13.82
N GLN A 94 -7.34 -35.74 -12.51
CA GLN A 94 -8.29 -35.24 -11.54
C GLN A 94 -7.70 -34.05 -10.81
N ILE A 95 -8.42 -32.94 -10.82
CA ILE A 95 -8.03 -31.72 -10.11
C ILE A 95 -9.09 -31.47 -9.05
N MET A 96 -8.69 -31.59 -7.78
CA MET A 96 -9.60 -31.38 -6.66
C MET A 96 -9.37 -30.02 -6.05
N TYR A 97 -10.46 -29.30 -5.78
CA TYR A 97 -10.43 -28.10 -4.97
C TYR A 97 -10.94 -28.45 -3.58
N VAL A 98 -10.07 -28.38 -2.58
CA VAL A 98 -10.44 -28.58 -1.18
C VAL A 98 -10.88 -27.25 -0.62
N PRO A 99 -12.14 -27.07 -0.26
CA PRO A 99 -12.59 -25.79 0.32
C PRO A 99 -11.92 -25.55 1.66
N PRO A 100 -11.91 -24.31 2.13
CA PRO A 100 -11.31 -24.03 3.46
C PRO A 100 -11.96 -24.88 4.54
N GLY A 101 -11.13 -25.65 5.24
CA GLY A 101 -11.63 -26.52 6.28
C GLY A 101 -12.09 -27.88 5.80
N GLY A 102 -11.65 -28.31 4.62
CA GLY A 102 -12.05 -29.59 4.08
C GLY A 102 -11.00 -30.65 4.30
N PRO A 103 -11.34 -31.91 3.99
CA PRO A 103 -10.37 -32.99 4.16
C PRO A 103 -9.17 -32.83 3.23
N VAL A 104 -8.00 -33.19 3.73
CA VAL A 104 -6.73 -32.98 3.06
C VAL A 104 -6.17 -34.32 2.64
N PRO A 105 -5.96 -34.57 1.35
CA PRO A 105 -5.30 -35.81 0.93
C PRO A 105 -3.89 -35.90 1.49
N THR A 106 -3.51 -37.11 1.90
CA THR A 106 -2.16 -37.39 2.36
C THR A 106 -1.34 -38.15 1.33
N LYS A 107 -1.94 -39.13 0.66
CA LYS A 107 -1.30 -39.89 -0.39
C LYS A 107 -2.12 -39.74 -1.67
N VAL A 108 -1.70 -40.46 -2.72
CA VAL A 108 -2.39 -40.36 -4.00
C VAL A 108 -3.69 -41.14 -3.99
N ASN A 109 -3.89 -42.05 -3.05
CA ASN A 109 -5.09 -42.87 -2.97
C ASN A 109 -5.82 -42.67 -1.64
N SER A 110 -5.67 -41.50 -1.04
CA SER A 110 -6.34 -41.21 0.21
C SER A 110 -7.85 -41.07 0.00
N TYR A 111 -8.59 -41.22 1.10
CA TYR A 111 -10.05 -41.10 1.03
C TYR A 111 -10.48 -39.69 0.66
N SER A 112 -9.65 -38.69 0.96
CA SER A 112 -10.00 -37.31 0.67
C SER A 112 -10.12 -37.06 -0.83
N TRP A 113 -9.56 -37.93 -1.66
CA TRP A 113 -9.74 -37.81 -3.10
C TRP A 113 -11.19 -38.14 -3.49
N GLN A 114 -11.72 -39.24 -2.96
CA GLN A 114 -13.08 -39.68 -3.26
C GLN A 114 -14.07 -39.15 -2.23
N THR A 115 -14.06 -37.83 -2.03
CA THR A 115 -14.98 -37.18 -1.13
C THR A 115 -16.18 -36.65 -1.93
N SER A 116 -17.01 -35.85 -1.29
CA SER A 116 -18.21 -35.32 -1.93
C SER A 116 -18.31 -33.80 -1.89
N THR A 117 -17.74 -33.14 -0.89
CA THR A 117 -17.84 -31.69 -0.76
C THR A 117 -16.64 -30.96 -1.36
N ASN A 118 -15.66 -31.68 -1.89
CA ASN A 118 -14.53 -31.03 -2.55
C ASN A 118 -14.78 -31.04 -4.05
N PRO A 119 -14.98 -29.88 -4.68
CA PRO A 119 -15.20 -29.86 -6.14
C PRO A 119 -14.02 -30.44 -6.89
N SER A 120 -14.32 -31.40 -7.77
CA SER A 120 -13.29 -32.07 -8.55
C SER A 120 -13.69 -32.04 -10.02
N VAL A 121 -12.71 -31.75 -10.88
CA VAL A 121 -12.91 -31.77 -12.32
C VAL A 121 -12.02 -32.86 -12.92
N PHE A 122 -12.63 -33.71 -13.74
CA PHE A 122 -11.93 -34.78 -14.44
C PHE A 122 -11.75 -34.37 -15.88
N TRP A 123 -10.49 -34.25 -16.31
CA TRP A 123 -10.17 -33.73 -17.63
C TRP A 123 -9.29 -34.74 -18.36
N THR A 124 -9.70 -35.11 -19.57
CA THR A 124 -8.94 -36.01 -20.42
C THR A 124 -8.08 -35.20 -21.38
N GLU A 125 -6.83 -35.64 -21.57
CA GLU A 125 -5.90 -34.90 -22.41
C GLU A 125 -6.38 -34.88 -23.86
N GLY A 126 -6.00 -33.81 -24.57
CA GLY A 126 -6.42 -33.60 -25.93
C GLY A 126 -7.62 -32.69 -26.10
N SER A 127 -8.22 -32.25 -25.00
CA SER A 127 -9.35 -31.33 -25.01
C SER A 127 -8.88 -29.94 -24.60
N ALA A 128 -9.84 -29.03 -24.50
CA ALA A 128 -9.53 -27.70 -23.98
C ALA A 128 -9.10 -27.80 -22.52
N PRO A 129 -8.22 -26.91 -22.07
CA PRO A 129 -7.74 -26.97 -20.68
C PRO A 129 -8.88 -26.85 -19.70
N PRO A 130 -8.84 -27.58 -18.59
CA PRO A 130 -9.92 -27.50 -17.61
C PRO A 130 -9.95 -26.14 -16.93
N ARG A 131 -11.14 -25.75 -16.48
CA ARG A 131 -11.36 -24.44 -15.90
C ARG A 131 -12.44 -24.53 -14.83
N MET A 132 -12.13 -24.03 -13.64
CA MET A 132 -13.10 -23.93 -12.56
C MET A 132 -13.01 -22.54 -11.94
N SER A 133 -14.13 -22.08 -11.37
CA SER A 133 -14.22 -20.79 -10.72
C SER A 133 -14.59 -20.97 -9.26
N ILE A 134 -13.86 -20.29 -8.39
CA ILE A 134 -14.13 -20.28 -6.95
C ILE A 134 -14.69 -18.92 -6.59
N PRO A 135 -15.83 -18.85 -5.91
CA PRO A 135 -16.41 -17.54 -5.55
C PRO A 135 -15.59 -16.84 -4.49
N PHE A 136 -16.08 -15.70 -4.02
CA PHE A 136 -15.47 -15.06 -2.85
C PHE A 136 -15.79 -15.94 -1.64
N ILE A 137 -14.83 -16.77 -1.25
CA ILE A 137 -15.09 -17.86 -0.31
C ILE A 137 -14.92 -17.47 1.15
N SER A 138 -14.44 -16.26 1.43
CA SER A 138 -14.21 -15.85 2.81
C SER A 138 -15.54 -15.66 3.55
N ILE A 139 -15.52 -15.94 4.85
CA ILE A 139 -16.67 -15.62 5.70
C ILE A 139 -16.68 -14.17 6.11
N GLY A 140 -15.56 -13.46 5.95
CA GLY A 140 -15.53 -12.03 6.10
C GLY A 140 -16.05 -11.32 4.87
N ASN A 141 -16.09 -10.00 4.95
CA ASN A 141 -16.63 -9.20 3.86
C ASN A 141 -15.62 -8.91 2.76
N ALA A 142 -14.33 -9.14 3.01
CA ALA A 142 -13.31 -8.95 1.99
C ALA A 142 -12.06 -9.73 2.38
N TYR A 143 -11.18 -9.90 1.40
CA TYR A 143 -9.85 -10.46 1.64
C TYR A 143 -8.95 -9.33 2.11
N SER A 144 -8.34 -9.51 3.29
CA SER A 144 -7.41 -8.52 3.82
C SER A 144 -6.01 -8.83 3.30
N MET A 145 -5.49 -7.96 2.44
CA MET A 145 -4.14 -8.14 1.94
C MET A 145 -3.09 -7.84 3.01
N PHE A 146 -3.46 -7.11 4.06
CA PHE A 146 -2.58 -6.82 5.18
C PHE A 146 -3.37 -7.03 6.46
N TYR A 147 -2.66 -7.40 7.53
CA TYR A 147 -3.29 -7.71 8.81
C TYR A 147 -2.33 -7.31 9.93
N ASP A 148 -2.62 -6.18 10.57
CA ASP A 148 -1.82 -5.69 11.70
C ASP A 148 -2.35 -6.29 13.00
N GLY A 149 -2.28 -7.62 13.06
CA GLY A 149 -2.80 -8.33 14.22
C GLY A 149 -2.28 -9.76 14.21
N TRP A 150 -2.74 -10.52 15.19
CA TRP A 150 -2.30 -11.90 15.39
C TRP A 150 -3.49 -12.84 15.23
N ALA A 151 -3.22 -14.04 14.71
CA ALA A 151 -4.24 -15.08 14.73
C ALA A 151 -4.58 -15.48 16.16
N LYS A 152 -3.56 -15.65 16.99
CA LYS A 152 -3.72 -15.78 18.43
C LYS A 152 -2.83 -14.74 19.10
N PHE A 153 -3.40 -14.00 20.05
CA PHE A 153 -2.67 -12.89 20.66
C PHE A 153 -1.45 -13.40 21.41
N ASP A 154 -1.57 -14.55 22.07
CA ASP A 154 -0.51 -15.11 22.89
C ASP A 154 0.54 -15.88 22.08
N LYS A 155 0.58 -15.71 20.76
CA LYS A 155 1.53 -16.41 19.90
C LYS A 155 2.33 -15.38 19.10
N GLN A 156 3.66 -15.55 19.12
CA GLN A 156 4.54 -14.59 18.45
C GLN A 156 4.45 -14.72 16.93
N GLY A 157 4.47 -15.96 16.43
CA GLY A 157 4.52 -16.22 15.01
C GLY A 157 3.21 -16.08 14.27
N THR A 158 2.13 -15.72 14.97
CA THR A 158 0.82 -15.56 14.35
C THR A 158 0.56 -14.15 13.86
N TYR A 159 1.54 -13.25 13.98
CA TYR A 159 1.36 -11.89 13.49
C TYR A 159 1.10 -11.90 11.99
N GLY A 160 0.11 -11.11 11.58
CA GLY A 160 -0.35 -11.21 10.20
C GLY A 160 -1.21 -12.45 10.05
N ILE A 161 -0.92 -13.24 9.01
CA ILE A 161 -1.51 -14.57 8.83
C ILE A 161 -3.01 -14.47 8.61
N ASN A 162 -3.73 -13.88 9.57
CA ASN A 162 -5.20 -13.80 9.60
C ASN A 162 -5.74 -15.24 9.59
N THR A 163 -7.05 -15.43 9.46
CA THR A 163 -7.61 -16.78 9.33
C THR A 163 -8.72 -16.79 8.28
N LEU A 164 -9.05 -15.61 7.75
CA LEU A 164 -10.16 -15.48 6.81
C LEU A 164 -9.70 -15.35 5.36
N ASN A 165 -8.39 -15.36 5.11
CA ASN A 165 -7.85 -15.29 3.77
C ASN A 165 -7.59 -16.67 3.18
N ASN A 166 -7.95 -17.73 3.88
CA ASN A 166 -7.78 -19.09 3.36
C ASN A 166 -8.74 -19.30 2.19
N MET A 167 -8.18 -19.57 1.01
CA MET A 167 -8.96 -19.75 -0.20
C MET A 167 -9.05 -21.22 -0.63
N GLY A 168 -8.52 -22.14 0.16
CA GLY A 168 -8.53 -23.54 -0.16
C GLY A 168 -7.24 -24.00 -0.80
N THR A 169 -7.20 -25.30 -1.08
CA THR A 169 -6.01 -25.95 -1.63
C THR A 169 -6.42 -26.77 -2.85
N LEU A 170 -5.55 -26.79 -3.86
CA LEU A 170 -5.75 -27.56 -5.07
C LEU A 170 -4.94 -28.83 -5.02
N TYR A 171 -5.50 -29.92 -5.57
CA TYR A 171 -4.83 -31.20 -5.60
C TYR A 171 -4.96 -31.81 -6.98
N MET A 172 -3.85 -32.29 -7.52
CA MET A 172 -3.78 -32.81 -8.88
C MET A 172 -3.16 -34.20 -8.87
N ARG A 173 -3.71 -35.10 -9.67
CA ARG A 173 -3.21 -36.48 -9.73
C ARG A 173 -3.67 -37.12 -11.04
N HIS A 174 -3.08 -38.26 -11.35
CA HIS A 174 -3.47 -39.05 -12.50
C HIS A 174 -4.60 -39.99 -12.12
N VAL A 175 -5.68 -39.96 -12.91
CA VAL A 175 -6.76 -40.93 -12.72
C VAL A 175 -6.29 -42.31 -13.16
N ASN A 176 -5.61 -42.40 -14.30
CA ASN A 176 -5.09 -43.65 -14.81
C ASN A 176 -3.61 -43.51 -15.14
N ASP A 177 -2.87 -44.60 -14.92
CA ASP A 177 -1.45 -44.60 -15.24
C ASP A 177 -1.22 -44.66 -16.75
N GLY A 178 -2.17 -45.21 -17.49
CA GLY A 178 -2.04 -45.30 -18.94
C GLY A 178 -1.18 -46.46 -19.39
N SER A 179 0.11 -46.38 -19.14
CA SER A 179 1.07 -47.39 -19.55
C SER A 179 1.95 -47.76 -18.36
N PRO A 180 2.56 -48.95 -18.39
CA PRO A 180 3.51 -49.30 -17.33
C PRO A 180 4.87 -48.65 -17.53
N GLY A 181 4.86 -47.35 -17.81
CA GLY A 181 6.07 -46.60 -18.01
C GLY A 181 6.01 -45.25 -17.33
N PRO A 182 7.15 -44.57 -17.22
CA PRO A 182 7.20 -43.29 -16.51
C PRO A 182 6.53 -42.18 -17.32
N ILE A 183 5.52 -41.56 -16.72
CA ILE A 183 4.85 -40.39 -17.29
C ILE A 183 4.79 -39.33 -16.22
N VAL A 184 5.27 -38.13 -16.53
CA VAL A 184 5.25 -37.00 -15.61
C VAL A 184 4.45 -35.87 -16.24
N SER A 185 3.53 -35.30 -15.47
CA SER A 185 2.63 -34.26 -15.94
C SER A 185 2.87 -32.97 -15.18
N THR A 186 2.84 -31.85 -15.90
CA THR A 186 2.94 -30.52 -15.31
C THR A 186 1.58 -29.84 -15.39
N VAL A 187 1.18 -29.15 -14.34
CA VAL A 187 -0.16 -28.60 -14.26
C VAL A 187 -0.22 -27.14 -14.69
N ARG A 188 0.74 -26.31 -14.29
CA ARG A 188 0.85 -24.92 -14.73
C ARG A 188 -0.45 -24.15 -14.51
N ILE A 189 -0.79 -23.98 -13.22
CA ILE A 189 -2.02 -23.32 -12.84
C ILE A 189 -1.97 -21.85 -13.26
N TYR A 190 -3.06 -21.38 -13.87
CA TYR A 190 -3.20 -19.99 -14.27
C TYR A 190 -4.29 -19.33 -13.44
N PHE A 191 -3.96 -18.20 -12.83
CA PHE A 191 -4.84 -17.50 -11.91
C PHE A 191 -5.36 -16.21 -12.52
N LYS A 192 -6.63 -15.91 -12.27
CA LYS A 192 -7.27 -14.70 -12.80
C LYS A 192 -8.36 -14.23 -11.87
N PRO A 193 -8.16 -13.12 -11.16
CA PRO A 193 -9.23 -12.57 -10.32
C PRO A 193 -10.38 -12.04 -11.16
N LYS A 194 -11.59 -12.16 -10.62
CA LYS A 194 -12.79 -11.73 -11.31
C LYS A 194 -13.66 -10.90 -10.38
N HIS A 195 -14.34 -9.91 -10.96
CA HIS A 195 -15.28 -9.06 -10.23
C HIS A 195 -14.62 -8.43 -9.00
N VAL A 196 -13.48 -7.78 -9.25
CA VAL A 196 -12.62 -7.33 -8.15
C VAL A 196 -13.19 -6.05 -7.56
N LYS A 197 -13.32 -6.02 -6.23
CA LYS A 197 -13.55 -4.81 -5.46
C LYS A 197 -12.34 -4.59 -4.58
N THR A 198 -11.87 -3.34 -4.49
CA THR A 198 -10.71 -3.00 -3.69
C THR A 198 -10.99 -1.75 -2.86
N TRP A 199 -10.38 -1.70 -1.68
CA TRP A 199 -10.56 -0.60 -0.75
C TRP A 199 -9.22 -0.19 -0.16
N VAL A 200 -9.16 1.06 0.29
CA VAL A 200 -8.03 1.60 1.06
C VAL A 200 -6.72 1.39 0.31
N PRO A 201 -6.45 2.17 -0.75
CA PRO A 201 -5.21 1.98 -1.51
C PRO A 201 -3.98 2.24 -0.66
N ARG A 202 -2.88 1.59 -1.02
CA ARG A 202 -1.64 1.58 -0.28
C ARG A 202 -0.49 1.93 -1.21
N PRO A 203 0.63 2.41 -0.68
CA PRO A 203 1.79 2.67 -1.52
C PRO A 203 2.34 1.39 -2.10
N PRO A 204 2.86 1.42 -3.33
CA PRO A 204 3.46 0.22 -3.90
C PRO A 204 4.67 -0.23 -3.10
N ARG A 205 4.88 -1.53 -3.06
CA ARG A 205 6.02 -2.10 -2.35
C ARG A 205 7.32 -1.60 -2.97
N LEU A 206 8.24 -1.16 -2.10
CA LEU A 206 9.54 -0.64 -2.53
C LEU A 206 10.67 -1.64 -2.34
N CYS A 207 10.66 -2.38 -1.23
CA CYS A 207 11.70 -3.34 -0.93
C CYS A 207 11.32 -4.70 -1.49
N GLN A 208 12.33 -5.43 -1.97
CA GLN A 208 12.07 -6.75 -2.54
C GLN A 208 11.49 -7.69 -1.49
N TYR A 209 10.56 -8.53 -1.92
CA TYR A 209 9.95 -9.49 -1.01
C TYR A 209 10.95 -10.57 -0.61
N GLN A 210 10.85 -11.01 0.64
CA GLN A 210 11.70 -12.07 1.17
C GLN A 210 10.97 -13.39 1.33
N LYS A 211 9.84 -13.38 2.05
CA LYS A 211 9.03 -14.57 2.26
C LYS A 211 7.64 -14.35 1.68
N ALA A 212 6.98 -15.45 1.32
CA ALA A 212 5.62 -15.36 0.80
C ALA A 212 4.63 -15.03 1.91
N GLY A 213 4.92 -15.44 3.14
CA GLY A 213 4.01 -15.21 4.25
C GLY A 213 4.47 -14.14 5.21
N ASN A 214 5.27 -13.18 4.71
CA ASN A 214 5.81 -12.12 5.55
C ASN A 214 5.79 -10.80 4.80
N VAL A 215 5.83 -9.71 5.58
CA VAL A 215 6.11 -8.39 5.05
C VAL A 215 7.54 -7.96 5.35
N ASN A 216 8.35 -8.85 5.91
CA ASN A 216 9.71 -8.51 6.30
C ASN A 216 10.52 -8.09 5.08
N PHE A 217 11.42 -7.14 5.29
CA PHE A 217 12.14 -6.52 4.18
C PHE A 217 13.50 -6.05 4.65
N GLU A 218 14.46 -6.12 3.74
CA GLU A 218 15.73 -5.43 3.93
C GLU A 218 15.54 -3.96 3.53
N PRO A 219 15.90 -3.01 4.40
CA PRO A 219 15.69 -1.60 4.05
C PRO A 219 16.41 -1.22 2.77
N THR A 220 15.72 -0.45 1.93
CA THR A 220 16.22 -0.08 0.62
C THR A 220 16.08 1.43 0.43
N GLY A 221 16.89 1.97 -0.47
CA GLY A 221 16.79 3.39 -0.79
C GLY A 221 15.47 3.71 -1.46
N VAL A 222 15.00 4.94 -1.21
CA VAL A 222 13.70 5.35 -1.74
C VAL A 222 13.73 5.40 -3.26
N THR A 223 14.90 5.61 -3.85
CA THR A 223 15.05 5.64 -5.30
C THR A 223 16.53 5.53 -5.62
N GLU A 224 16.83 5.48 -6.92
CA GLU A 224 18.22 5.48 -7.36
C GLU A 224 18.84 6.86 -7.17
N SER A 225 20.15 6.89 -6.99
CA SER A 225 20.85 8.13 -6.72
C SER A 225 21.31 8.79 -8.01
N ARG A 226 21.60 10.09 -7.91
CA ARG A 226 22.16 10.87 -9.01
C ARG A 226 23.30 11.72 -8.48
N THR A 227 24.17 12.15 -9.40
CA THR A 227 25.41 12.82 -8.99
C THR A 227 25.15 14.16 -8.32
N ASP A 228 24.27 14.98 -8.90
CA ASP A 228 24.06 16.34 -8.43
C ASP A 228 22.58 16.63 -8.31
N ILE A 229 22.23 17.46 -7.32
CA ILE A 229 20.84 17.90 -7.17
C ILE A 229 20.47 18.88 -8.27
N THR A 230 21.42 19.70 -8.72
CA THR A 230 21.17 20.67 -9.76
C THR A 230 21.48 20.09 -11.14
N THR A 231 20.80 20.61 -12.15
CA THR A 231 21.03 20.20 -13.54
C THR A 231 22.00 21.16 -14.22
N MET A 232 23.17 21.29 -13.60
CA MET A 232 24.21 22.19 -14.09
C MET A 232 25.30 21.41 -14.80
N GLN A 233 26.01 22.09 -15.70
CA GLN A 233 27.07 21.47 -16.47
C GLN A 233 28.38 22.24 -16.30
N ARG B 1 -11.53 32.98 15.83
CA ARG B 1 -10.96 32.99 17.18
C ARG B 1 -10.44 31.60 17.54
N VAL B 2 -10.80 31.15 18.74
CA VAL B 2 -10.41 29.84 19.27
C VAL B 2 -11.66 29.10 19.70
N ARG B 3 -11.75 27.83 19.31
CA ARG B 3 -12.93 27.01 19.57
C ARG B 3 -12.62 26.01 20.67
N SER B 4 -13.50 25.92 21.66
CA SER B 4 -13.38 24.97 22.74
C SER B 4 -14.32 23.80 22.52
N ILE B 5 -13.82 22.58 22.67
CA ILE B 5 -14.58 21.37 22.43
C ILE B 5 -14.59 20.55 23.71
N THR B 6 -15.78 20.17 24.16
CA THR B 6 -15.96 19.38 25.37
C THR B 6 -16.60 18.05 25.01
N LEU B 7 -16.00 16.96 25.50
CA LEU B 7 -16.56 15.61 25.37
C LEU B 7 -16.49 14.96 26.73
N GLY B 8 -17.65 14.74 27.36
CA GLY B 8 -17.70 14.19 28.69
C GLY B 8 -17.12 15.12 29.73
N ASN B 9 -16.11 14.66 30.47
CA ASN B 9 -15.44 15.47 31.46
C ASN B 9 -14.07 15.96 30.98
N SER B 10 -13.88 16.05 29.66
CA SER B 10 -12.62 16.51 29.08
C SER B 10 -12.90 17.67 28.14
N THR B 11 -12.03 18.68 28.18
CA THR B 11 -12.17 19.85 27.32
C THR B 11 -10.82 20.16 26.68
N ILE B 12 -10.83 20.45 25.38
CA ILE B 12 -9.66 20.94 24.68
C ILE B 12 -10.05 22.17 23.88
N THR B 13 -9.04 22.94 23.47
CA THR B 13 -9.24 24.14 22.68
C THR B 13 -8.50 23.98 21.36
N THR B 14 -9.18 24.32 20.27
CA THR B 14 -8.62 24.25 18.93
C THR B 14 -8.89 25.56 18.20
N GLN B 15 -7.94 25.98 17.39
CA GLN B 15 -8.14 27.17 16.58
C GLN B 15 -9.23 26.94 15.55
N GLU B 16 -10.09 27.93 15.36
CA GLU B 16 -11.07 27.86 14.30
C GLU B 16 -10.37 27.99 12.94
N CYS B 17 -11.09 27.59 11.90
CA CYS B 17 -10.55 27.53 10.54
C CYS B 17 -9.37 26.56 10.43
N ALA B 18 -9.33 25.55 11.31
CA ALA B 18 -8.32 24.51 11.23
C ALA B 18 -8.88 23.33 10.45
N ASN B 19 -8.13 22.89 9.44
CA ASN B 19 -8.61 21.85 8.54
C ASN B 19 -8.78 20.53 9.27
N VAL B 20 -9.82 19.79 8.92
CA VAL B 20 -10.10 18.47 9.47
C VAL B 20 -10.10 17.49 8.31
N VAL B 21 -9.24 16.47 8.39
CA VAL B 21 -9.16 15.43 7.37
C VAL B 21 -10.06 14.29 7.82
N VAL B 22 -11.14 14.07 7.08
CA VAL B 22 -12.16 13.08 7.48
C VAL B 22 -11.84 11.80 6.71
N GLY B 23 -10.94 11.00 7.29
CA GLY B 23 -10.66 9.65 6.84
C GLY B 23 -10.59 9.45 5.34
N TYR B 24 -11.48 8.63 4.81
CA TYR B 24 -11.65 8.41 3.39
C TYR B 24 -12.95 9.04 2.91
N GLY B 25 -13.32 10.18 3.49
CA GLY B 25 -14.57 10.83 3.20
C GLY B 25 -15.76 10.31 3.97
N VAL B 26 -15.54 9.39 4.91
CA VAL B 26 -16.62 8.73 5.64
C VAL B 26 -16.54 9.13 7.10
N TRP B 27 -17.60 9.76 7.60
CA TRP B 27 -17.67 10.05 9.02
C TRP B 27 -18.02 8.78 9.79
N PRO B 28 -17.41 8.56 10.96
CA PRO B 28 -17.74 7.37 11.74
C PRO B 28 -19.22 7.30 12.08
N THR B 29 -19.81 6.12 11.90
CA THR B 29 -21.23 5.91 12.15
C THR B 29 -21.40 4.60 12.91
N TYR B 30 -22.56 4.44 13.52
CA TYR B 30 -22.94 3.19 14.16
C TYR B 30 -23.31 2.15 13.10
N LEU B 31 -23.18 0.88 13.49
CA LEU B 31 -23.65 -0.20 12.64
C LEU B 31 -25.16 -0.15 12.51
N ASN B 32 -25.66 -0.58 11.36
CA ASN B 32 -27.08 -0.51 11.04
C ASN B 32 -27.66 -1.91 10.93
N ASP B 33 -28.82 -2.12 11.53
CA ASP B 33 -29.52 -3.40 11.37
C ASP B 33 -29.99 -3.55 9.93
N ASP B 34 -29.84 -4.77 9.40
CA ASP B 34 -30.16 -5.04 8.00
C ASP B 34 -31.55 -5.63 7.92
N GLU B 35 -32.53 -4.77 7.62
CA GLU B 35 -33.93 -5.16 7.44
C GLU B 35 -34.45 -5.90 8.67
N ALA B 36 -34.31 -5.24 9.82
CA ALA B 36 -34.76 -5.75 11.11
C ALA B 36 -34.20 -7.15 11.36
N THR B 37 -32.86 -7.21 11.46
CA THR B 37 -32.18 -8.48 11.66
C THR B 37 -32.52 -9.05 13.04
N ALA B 38 -32.36 -10.36 13.17
CA ALA B 38 -32.68 -11.04 14.41
C ALA B 38 -31.70 -10.65 15.51
N GLU B 39 -32.06 -10.97 16.75
CA GLU B 39 -31.21 -10.69 17.91
C GLU B 39 -30.25 -11.85 18.15
N ASP B 40 -29.51 -12.21 17.10
CA ASP B 40 -28.47 -13.21 17.20
C ASP B 40 -27.08 -12.60 17.38
N GLN B 41 -26.91 -11.33 17.02
CA GLN B 41 -25.66 -10.60 17.26
C GLN B 41 -25.98 -9.22 17.83
N PRO B 42 -26.45 -9.17 19.08
CA PRO B 42 -26.82 -7.88 19.67
C PRO B 42 -25.59 -6.99 19.82
N THR B 43 -25.79 -5.69 19.58
CA THR B 43 -24.73 -4.71 19.68
C THR B 43 -25.05 -3.73 20.80
N GLN B 44 -24.01 -3.29 21.51
CA GLN B 44 -24.18 -2.38 22.64
C GLN B 44 -23.29 -1.16 22.47
N PRO B 45 -23.86 0.03 22.31
CA PRO B 45 -23.05 1.24 22.22
C PRO B 45 -22.61 1.73 23.60
N ASP B 46 -21.60 2.58 23.59
CA ASP B 46 -21.12 3.23 24.80
C ASP B 46 -20.77 4.68 24.48
N VAL B 47 -21.44 5.61 25.16
CA VAL B 47 -21.21 7.02 24.94
C VAL B 47 -20.30 7.65 26.00
N ALA B 48 -20.03 6.96 27.10
CA ALA B 48 -19.11 7.47 28.09
C ALA B 48 -17.67 7.47 27.58
N THR B 49 -17.37 6.60 26.61
CA THR B 49 -16.01 6.52 26.08
C THR B 49 -15.71 7.63 25.08
N CYS B 50 -16.74 8.37 24.64
CA CYS B 50 -16.55 9.47 23.69
C CYS B 50 -16.01 10.67 24.46
N ARG B 51 -14.72 10.61 24.78
CA ARG B 51 -14.03 11.68 25.47
C ARG B 51 -12.60 11.73 24.97
N PHE B 52 -11.98 12.89 25.16
CA PHE B 52 -10.59 13.06 24.73
C PHE B 52 -9.64 12.33 25.67
N TYR B 53 -8.70 11.61 25.07
CA TYR B 53 -7.61 10.98 25.79
C TYR B 53 -6.29 11.58 25.30
N THR B 54 -5.50 12.11 26.21
CA THR B 54 -4.29 12.84 25.87
C THR B 54 -3.08 12.02 26.28
N LEU B 55 -2.37 11.48 25.29
CA LEU B 55 -1.14 10.76 25.55
C LEU B 55 -0.04 11.72 26.00
N GLU B 56 1.01 11.17 26.59
CA GLU B 56 2.13 11.99 26.99
C GLU B 56 2.83 12.57 25.76
N SER B 57 3.15 13.85 25.82
CA SER B 57 3.74 14.52 24.66
C SER B 57 5.11 13.95 24.34
N VAL B 58 5.41 13.85 23.05
CA VAL B 58 6.69 13.35 22.57
C VAL B 58 7.56 14.52 22.20
N MET B 59 8.82 14.50 22.65
CA MET B 59 9.71 15.63 22.50
C MET B 59 10.35 15.59 21.11
N TRP B 60 9.94 16.51 20.25
CA TRP B 60 10.49 16.61 18.90
C TRP B 60 11.80 17.38 18.96
N GLN B 61 12.88 16.76 18.51
CA GLN B 61 14.21 17.35 18.55
C GLN B 61 14.75 17.49 17.13
N GLN B 62 15.97 18.04 17.03
CA GLN B 62 16.58 18.27 15.73
C GLN B 62 16.83 16.95 15.00
N SER B 63 17.51 16.02 15.66
CA SER B 63 17.74 14.69 15.10
C SER B 63 16.74 13.70 15.65
N SER B 64 15.47 13.93 15.34
CA SER B 64 14.38 13.12 15.86
C SER B 64 13.63 12.45 14.72
N PRO B 65 13.74 11.13 14.56
CA PRO B 65 12.90 10.44 13.59
C PRO B 65 11.46 10.34 14.09
N GLY B 66 10.61 9.65 13.36
CA GLY B 66 9.19 9.67 13.64
C GLY B 66 8.80 8.90 14.89
N TRP B 67 7.50 8.94 15.17
CA TRP B 67 6.87 8.16 16.23
C TRP B 67 5.66 7.45 15.63
N TRP B 68 5.16 6.45 16.34
CA TRP B 68 3.88 5.87 15.95
C TRP B 68 3.17 5.26 17.14
N TRP B 69 1.84 5.26 17.08
CA TRP B 69 0.98 4.58 18.04
C TRP B 69 0.02 3.67 17.28
N LYS B 70 -0.37 2.57 17.92
CA LYS B 70 -1.39 1.68 17.39
C LYS B 70 -2.59 1.80 18.32
N PHE B 71 -3.61 2.54 17.88
CA PHE B 71 -4.60 3.11 18.79
C PHE B 71 -5.56 2.12 19.44
N PRO B 72 -5.93 1.01 18.81
CA PRO B 72 -6.60 -0.03 19.59
C PRO B 72 -5.76 -0.42 20.80
N ASP B 73 -4.44 -0.53 20.63
CA ASP B 73 -3.57 -0.82 21.75
C ASP B 73 -3.19 0.43 22.53
N ALA B 74 -3.13 1.59 21.88
CA ALA B 74 -2.69 2.80 22.56
C ALA B 74 -3.71 3.32 23.56
N LEU B 75 -4.98 2.92 23.44
CA LEU B 75 -6.01 3.30 24.41
C LEU B 75 -6.45 2.12 25.26
N SER B 76 -5.68 1.04 25.29
CA SER B 76 -6.06 -0.16 26.01
C SER B 76 -5.94 -0.03 27.52
N ASN B 77 -5.29 1.04 28.01
CA ASN B 77 -5.15 1.25 29.45
C ASN B 77 -5.57 2.68 29.82
N MET B 78 -6.41 3.30 29.00
CA MET B 78 -6.87 4.66 29.26
C MET B 78 -8.25 4.65 29.93
N GLY B 79 -8.30 4.07 31.12
CA GLY B 79 -9.54 4.02 31.88
C GLY B 79 -10.65 3.30 31.13
N LEU B 80 -11.75 4.02 30.88
CA LEU B 80 -12.81 3.48 30.04
C LEU B 80 -12.33 3.36 28.60
N PHE B 81 -13.05 2.54 27.85
CA PHE B 81 -12.73 2.07 26.50
C PHE B 81 -11.57 1.07 26.56
N GLY B 82 -10.80 1.12 27.64
CA GLY B 82 -9.76 0.13 27.86
C GLY B 82 -10.37 -0.98 28.70
N GLN B 83 -11.10 -0.56 29.73
CA GLN B 83 -11.96 -1.49 30.44
C GLN B 83 -12.98 -2.12 29.50
N ASN B 84 -13.46 -1.34 28.52
CA ASN B 84 -14.41 -1.88 27.55
C ASN B 84 -13.74 -2.89 26.63
N MET B 85 -12.51 -2.63 26.20
CA MET B 85 -11.78 -3.65 25.44
C MET B 85 -11.58 -4.92 26.25
N GLN B 86 -11.22 -4.76 27.53
CA GLN B 86 -11.00 -5.93 28.38
C GLN B 86 -12.27 -6.72 28.61
N TYR B 87 -13.41 -6.05 28.75
CA TYR B 87 -14.67 -6.70 29.11
C TYR B 87 -15.38 -7.31 27.93
N HIS B 88 -15.37 -6.65 26.78
CA HIS B 88 -16.11 -7.09 25.61
C HIS B 88 -15.19 -7.82 24.63
N TYR B 89 -15.69 -8.91 24.06
CA TYR B 89 -14.88 -9.68 23.11
C TYR B 89 -14.73 -8.96 21.79
N LEU B 90 -15.82 -8.40 21.26
CA LEU B 90 -15.81 -7.73 19.97
C LEU B 90 -16.04 -6.24 20.14
N GLY B 91 -15.26 -5.44 19.42
CA GLY B 91 -15.34 -4.00 19.54
C GLY B 91 -15.27 -3.33 18.18
N ARG B 92 -15.75 -2.09 18.15
CA ARG B 92 -15.82 -1.32 16.91
C ARG B 92 -15.91 0.15 17.27
N ALA B 93 -14.97 0.96 16.77
CA ALA B 93 -14.98 2.39 17.08
C ALA B 93 -14.14 3.13 16.05
N GLY B 94 -14.51 4.39 15.82
CA GLY B 94 -13.67 5.33 15.12
C GLY B 94 -13.00 6.28 16.09
N TYR B 95 -12.08 7.09 15.55
CA TYR B 95 -11.31 7.98 16.40
C TYR B 95 -11.16 9.34 15.74
N THR B 96 -11.14 10.38 16.56
CA THR B 96 -10.74 11.71 16.15
C THR B 96 -9.35 11.94 16.74
N VAL B 97 -8.36 12.14 15.88
CA VAL B 97 -6.98 12.29 16.30
C VAL B 97 -6.59 13.75 16.18
N HIS B 98 -6.24 14.36 17.31
CA HIS B 98 -5.74 15.72 17.35
C HIS B 98 -4.24 15.66 17.61
N VAL B 99 -3.45 16.29 16.74
CA VAL B 99 -2.01 16.36 16.90
C VAL B 99 -1.64 17.83 17.02
N GLN B 100 -1.29 18.25 18.23
CA GLN B 100 -0.89 19.62 18.49
C GLN B 100 0.63 19.74 18.42
N CYS B 101 1.09 20.98 18.24
CA CYS B 101 2.53 21.24 18.19
C CYS B 101 2.75 22.63 18.76
N ASN B 102 3.55 22.72 19.82
CA ASN B 102 3.79 24.00 20.51
C ASN B 102 5.17 24.51 20.10
N ALA B 103 5.19 25.45 19.15
CA ALA B 103 6.43 26.05 18.70
C ALA B 103 6.19 27.53 18.45
N SER B 104 7.24 28.32 18.56
CA SER B 104 7.17 29.75 18.30
C SER B 104 7.40 30.03 16.82
N LYS B 105 7.32 31.30 16.44
CA LYS B 105 7.58 31.69 15.06
C LYS B 105 9.05 31.58 14.69
N PHE B 106 9.93 31.34 15.66
CA PHE B 106 11.35 31.17 15.40
C PHE B 106 11.74 29.71 15.22
N HIS B 107 10.78 28.80 15.15
CA HIS B 107 11.03 27.39 14.95
C HIS B 107 10.73 26.98 13.52
N GLN B 108 11.44 25.97 13.04
CA GLN B 108 11.25 25.43 11.70
C GLN B 108 10.85 23.96 11.80
N GLY B 109 10.49 23.39 10.66
CA GLY B 109 10.20 21.97 10.59
C GLY B 109 8.86 21.67 9.93
N CYS B 110 8.77 20.47 9.36
CA CYS B 110 7.55 19.97 8.77
C CYS B 110 7.30 18.56 9.26
N LEU B 111 6.04 18.23 9.49
CA LEU B 111 5.65 16.92 10.00
C LEU B 111 4.61 16.30 9.08
N LEU B 112 4.76 15.01 8.82
CA LEU B 112 3.72 14.24 8.13
C LEU B 112 2.94 13.48 9.20
N VAL B 113 1.70 13.88 9.42
CA VAL B 113 0.81 13.22 10.37
C VAL B 113 -0.15 12.36 9.56
N VAL B 114 0.06 11.05 9.59
CA VAL B 114 -0.66 10.12 8.73
C VAL B 114 -1.21 8.97 9.58
N CYS B 115 -2.44 8.57 9.30
CA CYS B 115 -3.07 7.41 9.93
C CYS B 115 -3.12 6.28 8.90
N VAL B 116 -2.33 5.23 9.14
CA VAL B 116 -2.14 4.16 8.17
C VAL B 116 -2.99 2.97 8.61
N PRO B 117 -4.03 2.60 7.88
CA PRO B 117 -4.81 1.42 8.24
C PRO B 117 -4.06 0.14 7.92
N GLU B 118 -4.20 -0.84 8.82
CA GLU B 118 -3.64 -2.18 8.64
C GLU B 118 -2.13 -2.12 8.42
N ALA B 119 -1.46 -1.30 9.23
CA ALA B 119 -0.02 -1.06 9.07
C ALA B 119 0.77 -2.24 9.64
N GLU B 120 0.68 -3.37 8.94
CA GLU B 120 1.49 -4.52 9.29
C GLU B 120 2.96 -4.19 9.06
N MET B 121 3.78 -4.47 10.05
CA MET B 121 5.19 -4.06 10.05
C MET B 121 6.10 -5.28 9.99
N GLY B 122 7.23 -5.12 9.30
CA GLY B 122 8.20 -6.18 9.21
C GLY B 122 9.10 -6.26 10.43
N CYS B 123 9.95 -7.28 10.44
CA CYS B 123 10.88 -7.51 11.53
C CYS B 123 12.30 -7.18 11.11
N ALA B 124 13.12 -6.81 12.09
CA ALA B 124 14.53 -6.54 11.81
C ALA B 124 15.23 -7.78 11.31
N THR B 125 14.91 -8.94 11.88
CA THR B 125 15.41 -10.22 11.38
C THR B 125 14.41 -10.78 10.38
N LEU B 126 14.93 -11.19 9.22
CA LEU B 126 14.05 -11.57 8.11
C LEU B 126 13.20 -12.79 8.46
N ALA B 127 13.80 -13.79 9.10
CA ALA B 127 13.07 -15.01 9.45
C ALA B 127 12.46 -14.93 10.85
N ASN B 128 11.71 -13.86 11.10
CA ASN B 128 11.12 -13.63 12.42
C ASN B 128 9.92 -12.72 12.27
N LYS B 129 9.11 -12.69 13.33
CA LYS B 129 7.98 -11.79 13.46
C LYS B 129 8.22 -10.84 14.63
N PRO B 130 7.95 -9.54 14.45
CA PRO B 130 8.16 -8.60 15.56
C PRO B 130 7.23 -8.89 16.72
N ASP B 131 7.72 -8.63 17.93
CA ASP B 131 6.96 -8.91 19.14
C ASP B 131 5.97 -7.78 19.43
N GLN B 132 5.11 -8.03 20.42
CA GLN B 132 4.10 -7.05 20.79
C GLN B 132 4.73 -5.76 21.29
N LYS B 133 5.78 -5.86 22.09
CA LYS B 133 6.39 -4.67 22.69
C LYS B 133 6.92 -3.71 21.63
N SER B 134 7.63 -4.23 20.63
CA SER B 134 8.18 -3.37 19.59
C SER B 134 7.09 -2.79 18.70
N LEU B 135 6.10 -3.61 18.35
CA LEU B 135 5.05 -3.16 17.44
C LEU B 135 4.23 -2.02 18.04
N SER B 136 3.75 -2.22 19.27
CA SER B 136 2.93 -1.22 19.93
C SER B 136 3.26 -1.21 21.42
N ASN B 137 3.64 -0.03 21.92
CA ASN B 137 3.95 0.15 23.33
C ASN B 137 2.78 0.72 24.13
N GLY B 138 1.59 0.76 23.54
CA GLY B 138 0.44 1.30 24.25
C GLY B 138 0.45 2.81 24.21
N GLU B 139 0.30 3.43 25.38
CA GLU B 139 0.30 4.88 25.47
C GLU B 139 1.68 5.48 25.21
N THR B 140 2.73 4.67 25.23
CA THR B 140 4.08 5.15 24.97
C THR B 140 4.39 5.05 23.49
N ALA B 141 4.96 6.12 22.93
CA ALA B 141 5.26 6.16 21.52
C ALA B 141 6.42 5.23 21.17
N ASN B 142 6.30 4.56 20.03
CA ASN B 142 7.40 3.79 19.45
C ASN B 142 8.07 4.68 18.42
N MET B 143 9.40 4.70 18.43
CA MET B 143 10.15 5.68 17.64
C MET B 143 10.77 5.03 16.42
N PHE B 144 10.72 5.78 15.31
CA PHE B 144 11.43 5.40 14.09
C PHE B 144 12.93 5.63 14.27
N GLU B 145 13.72 5.06 13.36
CA GLU B 145 15.16 5.14 13.43
C GLU B 145 15.71 5.77 12.16
N SER B 146 16.89 6.38 12.29
CA SER B 146 17.58 6.94 11.13
C SER B 146 18.41 5.90 10.38
N GLN B 147 18.56 4.70 10.94
CA GLN B 147 19.30 3.62 10.32
C GLN B 147 18.56 2.31 10.55
N ASN B 148 19.11 1.23 9.99
CA ASN B 148 18.48 -0.08 10.14
C ASN B 148 18.47 -0.51 11.61
N SER B 149 17.31 -1.00 12.06
CA SER B 149 17.20 -1.51 13.41
C SER B 149 17.82 -2.89 13.52
N THR B 150 18.31 -3.21 14.71
CA THR B 150 18.91 -4.51 14.99
C THR B 150 18.14 -5.16 16.13
N GLY B 151 17.82 -6.44 15.97
CA GLY B 151 17.08 -7.17 16.98
C GLY B 151 16.46 -8.45 16.45
N GLN B 152 16.40 -9.48 17.28
CA GLN B 152 15.83 -10.75 16.83
C GLN B 152 14.35 -10.62 16.51
N THR B 153 13.61 -9.89 17.35
CA THR B 153 12.18 -9.70 17.14
C THR B 153 11.81 -8.22 17.18
N ALA B 154 12.72 -7.36 16.73
CA ALA B 154 12.46 -5.92 16.70
C ALA B 154 11.86 -5.50 15.37
N VAL B 155 11.05 -4.44 15.41
CA VAL B 155 10.46 -3.89 14.20
C VAL B 155 11.56 -3.18 13.40
N GLN B 156 11.52 -3.35 12.07
CA GLN B 156 12.42 -2.62 11.22
C GLN B 156 11.97 -1.16 11.17
N ALA B 157 12.49 -0.35 12.07
CA ALA B 157 11.98 1.00 12.33
C ALA B 157 12.71 2.07 11.55
N ASN B 158 13.45 1.71 10.52
CA ASN B 158 14.05 2.72 9.65
C ASN B 158 12.95 3.56 9.02
N VAL B 159 13.11 4.88 9.09
CA VAL B 159 12.02 5.78 8.74
C VAL B 159 11.78 5.79 7.23
N ILE B 160 12.80 5.49 6.42
CA ILE B 160 12.65 5.58 4.98
C ILE B 160 11.58 4.62 4.47
N ASN B 161 11.43 3.47 5.12
CA ASN B 161 10.44 2.49 4.72
C ASN B 161 9.22 2.49 5.63
N ALA B 162 9.20 3.35 6.65
CA ALA B 162 8.09 3.48 7.59
C ALA B 162 7.74 2.16 8.28
N GLY B 163 8.65 1.19 8.23
CA GLY B 163 8.41 -0.11 8.81
C GLY B 163 7.52 -1.02 8.00
N MET B 164 7.11 -0.62 6.79
CA MET B 164 6.21 -1.40 5.98
C MET B 164 6.80 -1.82 4.63
N GLY B 165 8.04 -1.45 4.34
CA GLY B 165 8.62 -1.81 3.06
C GLY B 165 8.14 -0.98 1.89
N VAL B 166 7.67 0.23 2.15
CA VAL B 166 7.19 1.12 1.10
C VAL B 166 7.99 2.41 1.14
N GLY B 167 7.73 3.33 0.22
CA GLY B 167 8.37 4.62 0.27
C GLY B 167 7.70 5.52 1.28
N VAL B 168 8.49 6.10 2.18
CA VAL B 168 7.93 6.96 3.22
C VAL B 168 7.32 8.21 2.60
N GLY B 169 7.88 8.69 1.48
CA GLY B 169 7.31 9.84 0.82
C GLY B 169 5.97 9.57 0.16
N ASN B 170 5.62 8.31 -0.04
CA ASN B 170 4.34 7.92 -0.61
C ASN B 170 3.30 7.63 0.46
N LEU B 171 3.58 7.94 1.72
CA LEU B 171 2.63 7.69 2.81
C LEU B 171 1.42 8.60 2.75
N THR B 172 1.43 9.62 1.89
CA THR B 172 0.32 10.55 1.78
C THR B 172 -0.92 9.94 1.14
N ILE B 173 -0.82 8.71 0.63
CA ILE B 173 -1.99 8.02 0.09
C ILE B 173 -3.00 7.73 1.18
N PHE B 174 -2.55 7.66 2.43
CA PHE B 174 -3.43 7.45 3.57
C PHE B 174 -3.94 8.78 4.11
N PRO B 175 -5.02 8.76 4.92
CA PRO B 175 -5.51 10.01 5.51
C PRO B 175 -4.43 10.70 6.33
N HIS B 176 -4.00 11.87 5.89
CA HIS B 176 -2.82 12.51 6.43
C HIS B 176 -3.06 14.01 6.55
N GLN B 177 -2.11 14.68 7.21
CA GLN B 177 -2.15 16.13 7.36
C GLN B 177 -0.73 16.62 7.60
N TRP B 178 -0.30 17.58 6.79
CA TRP B 178 1.03 18.15 6.95
C TRP B 178 1.01 19.27 7.99
N ILE B 179 2.01 19.26 8.87
CA ILE B 179 2.17 20.29 9.88
C ILE B 179 3.45 21.04 9.57
N ASN B 180 3.32 22.23 9.00
CA ASN B 180 4.44 23.11 8.73
C ASN B 180 4.41 24.22 9.78
N LEU B 181 5.46 24.28 10.61
CA LEU B 181 5.44 25.17 11.76
C LEU B 181 5.25 26.63 11.36
N ARG B 182 5.70 27.02 10.18
CA ARG B 182 5.47 28.38 9.71
C ARG B 182 4.03 28.61 9.28
N THR B 183 3.26 27.54 9.01
CA THR B 183 1.87 27.66 8.59
C THR B 183 0.93 26.98 9.57
N ASN B 184 1.25 25.78 10.03
CA ASN B 184 0.35 24.99 10.85
C ASN B 184 1.01 24.61 12.16
N ASN B 185 0.17 24.30 13.15
CA ASN B 185 0.63 23.65 14.36
C ASN B 185 -0.30 22.53 14.82
N SER B 186 -1.41 22.30 14.12
CA SER B 186 -2.40 21.32 14.53
C SER B 186 -2.76 20.42 13.36
N ALA B 187 -3.19 19.21 13.68
CA ALA B 187 -3.66 18.25 12.69
C ALA B 187 -4.85 17.50 13.28
N THR B 188 -5.95 17.45 12.54
CA THR B 188 -7.16 16.76 12.97
C THR B 188 -7.54 15.73 11.92
N ILE B 189 -7.41 14.46 12.26
CA ILE B 189 -7.78 13.36 11.37
C ILE B 189 -8.90 12.59 12.05
N VAL B 190 -10.05 12.50 11.38
CA VAL B 190 -11.19 11.73 11.85
C VAL B 190 -11.18 10.41 11.08
N MET B 191 -10.85 9.32 11.78
CA MET B 191 -10.66 8.04 11.12
C MET B 191 -11.87 7.16 11.37
N PRO B 192 -12.62 6.78 10.34
CA PRO B 192 -13.71 5.82 10.53
C PRO B 192 -13.16 4.43 10.79
N TYR B 193 -14.01 3.57 11.34
CA TYR B 193 -13.61 2.20 11.59
C TYR B 193 -13.45 1.48 10.25
N ILE B 194 -12.23 1.00 9.98
CA ILE B 194 -11.90 0.32 8.73
C ILE B 194 -11.49 -1.09 9.07
N ASN B 195 -12.19 -2.07 8.50
CA ASN B 195 -11.89 -3.47 8.73
C ASN B 195 -12.60 -4.29 7.65
N SER B 196 -12.19 -5.56 7.55
CA SER B 196 -12.86 -6.50 6.66
C SER B 196 -14.05 -7.18 7.31
N VAL B 197 -14.28 -6.93 8.60
CA VAL B 197 -15.41 -7.51 9.32
C VAL B 197 -16.13 -6.39 10.06
N PRO B 198 -17.44 -6.51 10.32
CA PRO B 198 -18.13 -5.43 11.04
C PRO B 198 -17.55 -5.14 12.41
N MET B 199 -17.14 -6.18 13.14
CA MET B 199 -16.55 -6.02 14.46
C MET B 199 -15.45 -7.05 14.63
N ASP B 200 -14.49 -6.76 15.51
CA ASP B 200 -13.35 -7.65 15.70
C ASP B 200 -12.79 -7.44 17.11
N ASN B 201 -12.04 -8.44 17.57
CA ASN B 201 -11.39 -8.33 18.87
C ASN B 201 -10.31 -7.26 18.83
N MET B 202 -10.23 -6.46 19.90
CA MET B 202 -9.41 -5.26 19.89
C MET B 202 -8.01 -5.51 20.44
N PHE B 203 -7.87 -6.34 21.47
CA PHE B 203 -6.54 -6.76 21.90
C PHE B 203 -5.80 -7.49 20.80
N ARG B 204 -6.52 -8.20 19.93
CA ARG B 204 -5.93 -9.11 18.97
C ARG B 204 -5.59 -8.45 17.64
N HIS B 205 -6.04 -7.22 17.42
CA HIS B 205 -5.88 -6.59 16.10
C HIS B 205 -5.86 -5.07 16.25
N ASN B 206 -4.97 -4.43 15.50
CA ASN B 206 -4.87 -2.98 15.45
C ASN B 206 -5.48 -2.50 14.14
N ASN B 207 -6.51 -1.66 14.24
CA ASN B 207 -7.17 -1.16 13.03
C ASN B 207 -6.24 -0.28 12.20
N PHE B 208 -5.51 0.63 12.84
CA PHE B 208 -4.64 1.54 12.14
C PHE B 208 -3.58 2.04 13.10
N THR B 209 -2.55 2.67 12.54
CA THR B 209 -1.52 3.34 13.32
C THR B 209 -1.40 4.78 12.86
N LEU B 210 -0.98 5.65 13.76
CA LEU B 210 -0.68 7.04 13.45
C LEU B 210 0.82 7.23 13.42
N MET B 211 1.34 7.70 12.29
CA MET B 211 2.76 7.96 12.12
C MET B 211 2.97 9.46 12.06
N ILE B 212 3.85 9.96 12.91
CA ILE B 212 4.23 11.37 12.89
C ILE B 212 5.69 11.45 12.51
N ILE B 213 5.97 11.72 11.24
CA ILE B 213 7.32 11.65 10.68
C ILE B 213 7.76 13.06 10.32
N PRO B 214 8.84 13.58 10.92
CA PRO B 214 9.37 14.89 10.53
C PRO B 214 10.12 14.80 9.21
N PHE B 215 9.51 15.34 8.15
CA PHE B 215 10.19 15.36 6.86
C PHE B 215 11.24 16.45 6.80
N ALA B 216 10.87 17.67 7.17
CA ALA B 216 11.85 18.75 7.34
C ALA B 216 12.30 18.77 8.80
N PRO B 217 13.59 18.66 9.07
CA PRO B 217 14.04 18.55 10.47
C PRO B 217 13.73 19.81 11.26
N LEU B 218 13.55 19.63 12.57
CA LEU B 218 13.29 20.76 13.45
C LEU B 218 14.52 21.66 13.52
N SER B 219 14.28 22.97 13.50
CA SER B 219 15.36 23.94 13.63
C SER B 219 14.83 25.15 14.37
N TYR B 220 15.75 25.94 14.91
CA TYR B 220 15.38 27.06 15.77
C TYR B 220 16.53 28.05 15.81
N SER B 221 16.22 29.27 16.21
CA SER B 221 17.24 30.28 16.43
C SER B 221 17.93 30.05 17.77
N THR B 222 19.11 30.62 17.91
CA THR B 222 19.87 30.48 19.16
C THR B 222 19.09 31.09 20.31
N GLY B 223 19.00 30.35 21.41
CA GLY B 223 18.25 30.77 22.57
C GLY B 223 16.84 30.23 22.64
N ALA B 224 16.25 29.88 21.50
CA ALA B 224 14.93 29.27 21.50
C ALA B 224 15.00 27.85 22.07
N THR B 225 13.84 27.35 22.50
CA THR B 225 13.77 26.01 23.05
C THR B 225 14.24 24.99 22.00
N THR B 226 15.13 24.09 22.42
CA THR B 226 15.74 23.16 21.47
C THR B 226 14.78 22.03 21.09
N TYR B 227 13.73 21.83 21.88
CA TYR B 227 12.74 20.81 21.61
C TYR B 227 11.36 21.45 21.43
N VAL B 228 10.45 20.67 20.84
CA VAL B 228 9.08 21.12 20.61
C VAL B 228 8.13 19.99 20.98
N PRO B 229 7.17 20.23 21.88
CA PRO B 229 6.24 19.15 22.26
C PRO B 229 5.25 18.85 21.15
N ILE B 230 4.96 17.57 20.98
CA ILE B 230 3.91 17.11 20.05
C ILE B 230 2.90 16.34 20.89
N THR B 231 1.69 16.88 20.99
CA THR B 231 0.64 16.32 21.82
C THR B 231 -0.39 15.62 20.93
N VAL B 232 -0.74 14.39 21.30
CA VAL B 232 -1.72 13.59 20.57
C VAL B 232 -2.93 13.43 21.47
N THR B 233 -4.09 13.90 21.01
CA THR B 233 -5.35 13.82 21.74
C THR B 233 -6.31 12.99 20.91
N VAL B 234 -6.94 12.00 21.54
CA VAL B 234 -7.74 11.00 20.85
C VAL B 234 -9.13 10.95 21.46
N ALA B 235 -10.15 11.03 20.61
CA ALA B 235 -11.54 10.87 21.03
C ALA B 235 -12.15 9.68 20.29
N PRO B 236 -12.38 8.56 20.96
CA PRO B 236 -13.07 7.45 20.29
C PRO B 236 -14.47 7.86 19.87
N MET B 237 -14.88 7.38 18.69
CA MET B 237 -16.15 7.78 18.10
C MET B 237 -16.95 6.54 17.77
N CYS B 238 -18.23 6.56 18.15
CA CYS B 238 -19.20 5.52 17.80
C CYS B 238 -18.71 4.14 18.22
N ALA B 239 -18.35 4.03 19.49
CA ALA B 239 -17.83 2.78 20.05
C ALA B 239 -18.98 1.80 20.23
N GLU B 240 -18.88 0.64 19.58
CA GLU B 240 -19.85 -0.43 19.72
C GLU B 240 -19.18 -1.67 20.30
N TYR B 241 -19.96 -2.45 21.05
CA TYR B 241 -19.49 -3.69 21.63
C TYR B 241 -20.61 -4.72 21.53
N ASN B 242 -20.23 -6.00 21.63
CA ASN B 242 -21.20 -7.07 21.58
C ASN B 242 -22.08 -7.05 22.82
N GLY B 243 -23.39 -7.16 22.62
CA GLY B 243 -24.33 -7.19 23.72
C GLY B 243 -24.10 -8.35 24.66
N LEU B 244 -24.15 -8.09 25.96
CA LEU B 244 -23.86 -9.10 26.98
C LEU B 244 -25.12 -9.69 27.59
N ARG B 245 -26.29 -9.12 27.33
CA ARG B 245 -27.54 -9.62 27.87
C ARG B 245 -27.99 -10.87 27.11
N LEU B 246 -28.90 -11.61 27.74
CA LEU B 246 -29.43 -12.83 27.13
C LEU B 246 -30.45 -12.47 26.06
N ALA B 247 -30.40 -13.17 24.93
CA ALA B 247 -31.28 -12.84 23.81
C ALA B 247 -32.73 -13.05 24.17
N GLY B 248 -33.02 -13.94 25.12
CA GLY B 248 -34.38 -14.20 25.53
C GLY B 248 -34.47 -14.90 26.88
N GLY C 1 -28.77 -32.90 -33.86
CA GLY C 1 -28.81 -31.58 -33.27
C GLY C 1 -28.57 -30.46 -34.27
N LEU C 2 -28.25 -29.27 -33.75
CA LEU C 2 -27.99 -28.13 -34.61
C LEU C 2 -26.63 -28.28 -35.28
N PRO C 3 -26.54 -28.22 -36.61
CA PRO C 3 -25.24 -28.36 -37.27
C PRO C 3 -24.36 -27.14 -36.99
N THR C 4 -23.13 -27.41 -36.56
CA THR C 4 -22.19 -26.35 -36.24
C THR C 4 -20.80 -26.73 -36.76
N MET C 5 -19.97 -25.71 -36.95
CA MET C 5 -18.57 -25.87 -37.28
C MET C 5 -17.74 -25.25 -36.17
N LEU C 6 -16.65 -25.92 -35.80
CA LEU C 6 -15.93 -25.55 -34.59
C LEU C 6 -15.17 -24.24 -34.75
N THR C 7 -14.74 -23.89 -35.97
CA THR C 7 -14.10 -22.63 -36.31
C THR C 7 -12.68 -22.57 -35.74
N PRO C 8 -11.72 -21.99 -36.46
CA PRO C 8 -10.36 -21.87 -35.92
C PRO C 8 -10.35 -21.07 -34.62
N GLY C 9 -9.49 -21.47 -33.70
CA GLY C 9 -9.46 -20.90 -32.37
C GLY C 9 -10.24 -21.66 -31.32
N SER C 10 -10.89 -22.76 -31.69
CA SER C 10 -11.60 -23.57 -30.73
C SER C 10 -10.63 -24.50 -30.00
N ASN C 11 -11.00 -24.83 -28.75
CA ASN C 11 -10.20 -25.67 -27.87
C ASN C 11 -8.84 -25.05 -27.54
N GLN C 12 -8.68 -23.76 -27.81
CA GLN C 12 -7.47 -23.04 -27.44
C GLN C 12 -7.68 -22.30 -26.13
N PHE C 13 -6.59 -22.10 -25.40
CA PHE C 13 -6.60 -21.31 -24.18
C PHE C 13 -5.81 -20.04 -24.44
N LEU C 14 -6.52 -18.95 -24.72
CA LEU C 14 -5.94 -17.63 -24.78
C LEU C 14 -6.05 -17.00 -23.40
N THR C 15 -4.90 -16.70 -22.79
CA THR C 15 -4.91 -16.22 -21.41
C THR C 15 -5.70 -14.92 -21.26
N SER C 16 -5.76 -14.11 -22.30
CA SER C 16 -6.53 -12.86 -22.28
C SER C 16 -7.91 -13.09 -22.87
N ASP C 17 -8.65 -14.03 -22.28
CA ASP C 17 -9.99 -14.37 -22.71
C ASP C 17 -10.98 -14.04 -21.61
N ASP C 18 -12.21 -13.74 -22.02
CA ASP C 18 -13.28 -13.35 -21.10
C ASP C 18 -14.46 -14.31 -21.20
N PHE C 19 -14.17 -15.61 -21.23
CA PHE C 19 -15.21 -16.62 -21.27
C PHE C 19 -15.72 -16.93 -19.88
N GLN C 20 -17.01 -17.22 -19.78
CA GLN C 20 -17.60 -17.62 -18.50
C GLN C 20 -17.05 -18.98 -18.08
N SER C 21 -16.77 -19.12 -16.79
CA SER C 21 -16.23 -20.37 -16.29
C SER C 21 -17.24 -21.07 -15.39
N PRO C 22 -17.26 -22.40 -15.38
CA PRO C 22 -18.16 -23.12 -14.46
C PRO C 22 -17.71 -22.93 -13.02
N SER C 23 -18.69 -22.70 -12.15
CA SER C 23 -18.42 -22.47 -10.74
C SER C 23 -18.07 -23.79 -10.06
N ALA C 24 -16.90 -23.84 -9.42
CA ALA C 24 -16.51 -25.04 -8.69
C ALA C 24 -17.44 -25.29 -7.51
N MET C 25 -17.86 -24.22 -6.82
CA MET C 25 -18.74 -24.32 -5.66
C MET C 25 -20.00 -23.50 -5.90
N PRO C 26 -20.93 -24.03 -6.69
CA PRO C 26 -22.26 -23.43 -6.77
C PRO C 26 -23.01 -23.67 -5.46
N GLN C 27 -24.25 -23.21 -5.41
CA GLN C 27 -25.15 -23.37 -4.26
C GLN C 27 -24.47 -23.04 -2.93
N PHE C 28 -23.44 -22.19 -2.98
CA PHE C 28 -22.79 -21.64 -1.80
C PHE C 28 -23.09 -20.15 -1.75
N ASP C 29 -23.60 -19.69 -0.61
CA ASP C 29 -24.02 -18.30 -0.46
C ASP C 29 -22.84 -17.47 0.04
N VAL C 30 -22.32 -16.61 -0.81
CA VAL C 30 -21.19 -15.76 -0.44
C VAL C 30 -21.68 -14.64 0.48
N THR C 31 -20.79 -14.17 1.35
CA THR C 31 -21.15 -13.11 2.26
C THR C 31 -21.42 -11.82 1.49
N PRO C 32 -22.45 -11.07 1.85
CA PRO C 32 -22.74 -9.82 1.14
C PRO C 32 -21.65 -8.78 1.38
N GLU C 33 -21.53 -7.88 0.42
CA GLU C 33 -20.57 -6.79 0.54
C GLU C 33 -20.97 -5.85 1.67
N MET C 34 -19.97 -5.40 2.43
CA MET C 34 -20.15 -4.41 3.48
C MET C 34 -19.38 -3.15 3.10
N ASP C 35 -19.94 -2.00 3.42
CA ASP C 35 -19.40 -0.73 2.94
C ASP C 35 -18.11 -0.38 3.66
N ILE C 36 -16.99 -0.81 3.10
CA ILE C 36 -15.68 -0.40 3.61
C ILE C 36 -15.35 0.99 3.07
N PRO C 37 -14.97 1.94 3.91
CA PRO C 37 -14.56 3.25 3.39
C PRO C 37 -13.26 3.14 2.59
N GLY C 38 -13.13 4.05 1.63
CA GLY C 38 -11.94 4.08 0.80
C GLY C 38 -11.97 3.21 -0.42
N GLN C 39 -13.17 2.92 -0.95
CA GLN C 39 -13.27 2.12 -2.16
C GLN C 39 -12.58 2.84 -3.32
N VAL C 40 -11.79 2.08 -4.07
CA VAL C 40 -11.04 2.61 -5.20
C VAL C 40 -11.48 1.87 -6.46
N ASN C 41 -11.78 2.62 -7.51
CA ASN C 41 -12.19 2.05 -8.79
C ASN C 41 -11.17 2.26 -9.88
N ASN C 42 -10.17 3.12 -9.67
CA ASN C 42 -9.24 3.50 -10.72
C ASN C 42 -7.90 3.83 -10.09
N LEU C 43 -6.82 3.45 -10.79
CA LEU C 43 -5.47 3.70 -10.29
C LEU C 43 -5.09 5.17 -10.42
N MET C 44 -5.80 5.93 -11.26
CA MET C 44 -5.55 7.36 -11.34
C MET C 44 -5.87 8.05 -10.03
N GLU C 45 -6.78 7.48 -9.24
CA GLU C 45 -7.08 8.06 -7.94
C GLU C 45 -5.85 8.04 -7.04
N ILE C 46 -5.08 6.96 -7.07
CA ILE C 46 -3.80 6.94 -6.39
C ILE C 46 -2.80 7.84 -7.08
N ALA C 47 -2.84 7.89 -8.41
CA ALA C 47 -1.90 8.73 -9.16
C ALA C 47 -2.12 10.21 -8.85
N GLU C 48 -3.38 10.63 -8.68
CA GLU C 48 -3.70 12.03 -8.45
C GLU C 48 -3.33 12.51 -7.05
N VAL C 49 -2.91 11.62 -6.16
CA VAL C 49 -2.57 12.01 -4.79
C VAL C 49 -1.15 12.57 -4.76
N ASP C 50 -0.98 13.67 -4.02
CA ASP C 50 0.36 14.23 -3.81
C ASP C 50 1.29 13.21 -3.18
N SER C 51 2.51 13.13 -3.71
CA SER C 51 3.55 12.27 -3.18
C SER C 51 4.84 13.07 -3.06
N VAL C 52 5.54 12.89 -1.94
CA VAL C 52 6.77 13.64 -1.71
C VAL C 52 7.83 13.18 -2.69
N VAL C 53 8.47 14.14 -3.36
CA VAL C 53 9.48 13.84 -4.38
C VAL C 53 10.86 13.85 -3.74
N PRO C 54 11.64 12.78 -3.88
CA PRO C 54 13.01 12.80 -3.38
C PRO C 54 13.94 13.51 -4.36
N VAL C 55 13.96 14.84 -4.29
CA VAL C 55 14.79 15.61 -5.22
C VAL C 55 16.27 15.46 -4.88
N ASN C 56 16.59 15.31 -3.60
CA ASN C 56 17.99 15.28 -3.15
C ASN C 56 18.53 13.85 -3.20
N ASN C 57 18.65 13.34 -4.43
CA ASN C 57 19.11 11.98 -4.67
C ASN C 57 20.63 11.86 -4.70
N THR C 58 21.35 12.82 -4.11
CA THR C 58 22.80 12.72 -4.10
C THR C 58 23.24 11.48 -3.34
N GLU C 59 24.45 11.03 -3.64
CA GLU C 59 24.95 9.78 -3.09
C GLU C 59 24.99 9.83 -1.57
N GLY C 60 24.48 8.77 -0.94
CA GLY C 60 24.42 8.68 0.50
C GLY C 60 23.16 9.21 1.12
N LYS C 61 22.23 9.76 0.33
CA LYS C 61 21.01 10.35 0.86
C LYS C 61 19.76 9.53 0.61
N VAL C 62 19.78 8.62 -0.37
CA VAL C 62 18.58 7.86 -0.70
C VAL C 62 18.19 6.88 0.40
N LEU C 63 19.08 6.62 1.35
CA LEU C 63 18.78 5.74 2.47
C LEU C 63 18.33 6.51 3.71
N SER C 64 18.19 7.83 3.61
CA SER C 64 17.78 8.66 4.73
C SER C 64 16.62 9.55 4.30
N ILE C 65 15.94 10.12 5.29
CA ILE C 65 14.79 10.98 5.03
C ILE C 65 15.20 12.25 4.28
N GLU C 66 16.45 12.67 4.41
CA GLU C 66 16.89 13.93 3.81
C GLU C 66 17.11 13.84 2.30
N SER C 67 16.70 12.75 1.67
CA SER C 67 16.63 12.73 0.21
C SER C 67 15.44 13.52 -0.30
N TYR C 68 14.38 13.61 0.50
CA TYR C 68 13.22 14.42 0.14
C TYR C 68 13.42 15.90 0.45
N GLN C 69 14.43 16.25 1.25
CA GLN C 69 14.64 17.62 1.69
C GLN C 69 15.60 18.32 0.74
N ILE C 70 15.11 19.37 0.09
CA ILE C 70 15.94 20.22 -0.76
C ILE C 70 16.63 21.25 0.14
N PRO C 71 17.96 21.22 0.25
CA PRO C 71 18.63 22.18 1.15
C PRO C 71 18.62 23.58 0.55
N VAL C 72 18.34 24.57 1.41
CA VAL C 72 18.35 25.97 1.04
C VAL C 72 19.41 26.65 1.87
N GLN C 73 20.49 27.09 1.23
CA GLN C 73 21.60 27.70 1.94
C GLN C 73 21.30 29.15 2.26
N SER C 74 21.57 29.54 3.52
CA SER C 74 21.36 30.93 3.91
C SER C 74 22.39 31.84 3.25
N ASN C 75 23.66 31.44 3.28
CA ASN C 75 24.75 32.17 2.62
C ASN C 75 25.10 31.44 1.33
N SER C 76 24.32 31.70 0.28
CA SER C 76 24.51 31.08 -1.01
C SER C 76 24.72 32.16 -2.06
N THR C 77 25.38 31.78 -3.15
CA THR C 77 25.65 32.74 -4.22
C THR C 77 24.36 33.18 -4.87
N ASN C 78 24.28 34.48 -5.17
CA ASN C 78 23.08 35.03 -5.79
C ASN C 78 22.92 34.48 -7.20
N GLY C 79 21.69 34.14 -7.56
CA GLY C 79 21.40 33.60 -8.88
C GLY C 79 21.78 32.16 -9.07
N SER C 80 22.20 31.46 -8.03
CA SER C 80 22.57 30.06 -8.14
C SER C 80 21.32 29.19 -8.26
N GLN C 81 21.53 27.95 -8.68
CA GLN C 81 20.44 26.99 -8.79
C GLN C 81 20.22 26.27 -7.47
N VAL C 82 18.99 26.30 -6.97
CA VAL C 82 18.65 25.53 -5.78
C VAL C 82 18.55 24.06 -6.10
N PHE C 83 17.74 23.71 -7.10
CA PHE C 83 17.59 22.33 -7.52
C PHE C 83 17.13 22.32 -8.97
N GLY C 84 17.11 21.12 -9.55
CA GLY C 84 16.64 20.93 -10.91
C GLY C 84 16.71 19.48 -11.32
N PHE C 85 15.64 18.98 -11.93
CA PHE C 85 15.60 17.58 -12.34
C PHE C 85 14.85 17.46 -13.66
N PRO C 86 15.18 16.46 -14.48
CA PRO C 86 14.42 16.22 -15.70
C PRO C 86 12.97 15.90 -15.38
N LEU C 87 12.08 16.38 -16.25
CA LEU C 87 10.64 16.29 -16.00
C LEU C 87 10.06 15.03 -16.62
N MET C 88 10.64 13.90 -16.23
CA MET C 88 10.21 12.58 -16.70
C MET C 88 9.66 11.78 -15.53
N PRO C 89 8.34 11.70 -15.37
CA PRO C 89 7.78 11.01 -14.20
C PRO C 89 8.07 9.52 -14.16
N GLY C 90 8.43 8.91 -15.29
CA GLY C 90 8.64 7.48 -15.32
C GLY C 90 10.09 7.09 -15.51
N ALA C 91 10.89 7.96 -16.13
CA ALA C 91 12.28 7.68 -16.43
C ALA C 91 13.23 8.24 -15.39
N SER C 92 13.11 9.52 -15.06
CA SER C 92 14.03 10.15 -14.12
C SER C 92 13.82 9.58 -12.72
N SER C 93 14.92 9.24 -12.05
CA SER C 93 14.85 8.63 -10.72
C SER C 93 14.30 9.60 -9.67
N VAL C 94 14.24 10.90 -9.98
CA VAL C 94 13.69 11.85 -9.02
C VAL C 94 12.20 11.63 -8.84
N LEU C 95 11.47 11.49 -9.95
CA LEU C 95 10.03 11.28 -9.93
C LEU C 95 9.64 9.83 -10.11
N ASN C 96 10.61 8.93 -10.21
CA ASN C 96 10.33 7.57 -10.69
C ASN C 96 9.54 6.77 -9.66
N ARG C 97 9.97 6.80 -8.40
CA ARG C 97 9.39 5.94 -7.38
C ARG C 97 8.24 6.60 -6.61
N THR C 98 7.83 7.80 -7.00
CA THR C 98 6.67 8.42 -6.39
C THR C 98 5.40 7.68 -6.79
N LEU C 99 4.30 8.01 -6.12
CA LEU C 99 3.03 7.35 -6.40
C LEU C 99 2.65 7.46 -7.86
N LEU C 100 2.73 8.67 -8.42
CA LEU C 100 2.47 8.86 -9.84
C LEU C 100 3.45 8.07 -10.69
N GLY C 101 4.73 8.07 -10.32
CA GLY C 101 5.70 7.31 -11.07
C GLY C 101 5.47 5.82 -11.00
N GLU C 102 5.11 5.30 -9.82
CA GLU C 102 4.80 3.89 -9.70
C GLU C 102 3.59 3.51 -10.54
N ILE C 103 2.55 4.34 -10.54
CA ILE C 103 1.38 4.05 -11.37
C ILE C 103 1.77 4.07 -12.85
N LEU C 104 2.57 5.04 -13.26
CA LEU C 104 2.94 5.15 -14.67
C LEU C 104 3.84 4.00 -15.11
N ASN C 105 4.67 3.47 -14.22
CA ASN C 105 5.56 2.39 -14.60
C ASN C 105 4.83 1.06 -14.79
N TYR C 106 3.53 1.02 -14.54
CA TYR C 106 2.72 -0.15 -14.83
C TYR C 106 2.12 -0.13 -16.23
N TYR C 107 2.34 0.95 -16.99
CA TYR C 107 1.73 1.10 -18.31
C TYR C 107 2.77 1.57 -19.32
N THR C 108 2.62 1.08 -20.55
CA THR C 108 3.61 1.38 -21.59
C THR C 108 3.45 2.80 -22.11
N HIS C 109 2.22 3.27 -22.28
CA HIS C 109 1.94 4.58 -22.85
C HIS C 109 1.12 5.40 -21.88
N TRP C 110 1.49 6.66 -21.72
CA TRP C 110 0.74 7.59 -20.88
C TRP C 110 1.06 9.01 -21.31
N SER C 111 0.14 9.91 -20.99
CA SER C 111 0.28 11.32 -21.32
C SER C 111 -0.70 12.11 -20.48
N GLY C 112 -0.26 13.28 -20.02
CA GLY C 112 -1.12 14.12 -19.21
C GLY C 112 -0.36 15.33 -18.70
N SER C 113 -0.90 15.90 -17.63
CA SER C 113 -0.32 17.06 -16.97
C SER C 113 -0.02 16.72 -15.52
N ILE C 114 1.23 16.91 -15.10
CA ILE C 114 1.60 16.68 -13.71
C ILE C 114 1.41 17.98 -12.94
N LYS C 115 1.19 17.85 -11.64
CA LYS C 115 1.07 18.99 -10.75
C LYS C 115 2.19 18.93 -9.72
N LEU C 116 3.05 19.94 -9.73
CA LEU C 116 4.18 20.01 -8.81
C LEU C 116 3.89 21.05 -7.74
N THR C 117 4.05 20.64 -6.47
CA THR C 117 3.85 21.52 -5.33
C THR C 117 5.14 21.60 -4.55
N PHE C 118 5.68 22.81 -4.40
CA PHE C 118 6.87 23.05 -3.59
C PHE C 118 6.46 23.75 -2.31
N MET C 119 6.84 23.18 -1.17
CA MET C 119 6.53 23.75 0.13
C MET C 119 7.82 24.16 0.82
N PHE C 120 7.88 25.42 1.24
CA PHE C 120 9.01 25.94 2.00
C PHE C 120 8.79 25.66 3.48
N CYS C 121 9.77 25.02 4.11
CA CYS C 121 9.65 24.59 5.49
C CYS C 121 10.62 25.31 6.41
N GLY C 122 10.83 26.60 6.18
CA GLY C 122 11.59 27.44 7.08
C GLY C 122 10.73 28.04 8.17
N SER C 123 11.31 28.99 8.89
CA SER C 123 10.57 29.68 9.93
C SER C 123 9.57 30.67 9.32
N ALA C 124 8.51 30.94 10.08
CA ALA C 124 7.50 31.89 9.62
C ALA C 124 8.07 33.28 9.42
N MET C 125 9.17 33.61 10.11
CA MET C 125 9.81 34.90 9.99
C MET C 125 10.75 34.98 8.79
N ALA C 126 11.06 33.85 8.16
CA ALA C 126 11.99 33.85 7.03
C ALA C 126 11.34 34.44 5.80
N THR C 127 12.15 35.15 4.99
CA THR C 127 11.67 35.81 3.79
C THR C 127 12.68 35.61 2.68
N GLY C 128 12.18 35.34 1.48
CA GLY C 128 13.06 35.15 0.33
C GLY C 128 12.24 34.95 -0.92
N LYS C 129 12.94 34.91 -2.05
CA LYS C 129 12.33 34.71 -3.35
C LYS C 129 13.03 33.60 -4.10
N PHE C 130 12.25 32.73 -4.72
CA PHE C 130 12.75 31.67 -5.58
C PHE C 130 12.15 31.82 -6.96
N LEU C 131 12.87 31.33 -7.96
CA LEU C 131 12.44 31.42 -9.36
C LEU C 131 12.29 30.00 -9.89
N LEU C 132 11.06 29.49 -9.89
CA LEU C 132 10.77 28.16 -10.42
C LEU C 132 10.60 28.28 -11.93
N ALA C 133 11.54 27.69 -12.67
CA ALA C 133 11.59 27.83 -14.12
C ALA C 133 11.19 26.51 -14.79
N TYR C 134 10.25 26.59 -15.72
CA TYR C 134 9.82 25.44 -16.50
C TYR C 134 10.38 25.55 -17.91
N SER C 135 11.11 24.51 -18.34
CA SER C 135 11.65 24.43 -19.68
C SER C 135 10.83 23.44 -20.49
N PRO C 136 10.30 23.82 -21.65
CA PRO C 136 9.54 22.88 -22.47
C PRO C 136 10.44 21.78 -23.00
N PRO C 137 9.86 20.65 -23.42
CA PRO C 137 10.68 19.56 -23.95
C PRO C 137 11.50 20.01 -25.15
N GLY C 138 12.76 19.58 -25.19
CA GLY C 138 13.68 19.95 -26.24
C GLY C 138 14.36 21.29 -26.04
N ALA C 139 13.93 22.10 -25.07
CA ALA C 139 14.51 23.42 -24.87
C ALA C 139 15.86 23.34 -24.18
N GLY C 140 16.00 22.41 -23.22
CA GLY C 140 17.22 22.29 -22.47
C GLY C 140 17.16 23.04 -21.14
N ALA C 141 17.98 22.60 -20.20
CA ALA C 141 17.99 23.21 -18.88
C ALA C 141 18.68 24.57 -18.94
N PRO C 142 18.09 25.61 -18.35
CA PRO C 142 18.78 26.91 -18.30
C PRO C 142 20.03 26.84 -17.44
N THR C 143 21.01 27.67 -17.80
CA THR C 143 22.29 27.67 -17.10
C THR C 143 22.47 28.87 -16.18
N THR C 144 21.70 29.93 -16.36
CA THR C 144 21.76 31.10 -15.50
C THR C 144 20.35 31.47 -15.04
N ARG C 145 20.28 32.34 -14.04
CA ARG C 145 18.99 32.81 -13.57
C ARG C 145 18.31 33.71 -14.59
N LYS C 146 19.09 34.35 -15.47
CA LYS C 146 18.50 35.23 -16.48
C LYS C 146 17.81 34.43 -17.58
N GLU C 147 18.43 33.33 -18.02
CA GLU C 147 17.78 32.47 -19.01
C GLU C 147 16.49 31.89 -18.45
N ALA C 148 16.48 31.55 -17.16
CA ALA C 148 15.26 31.07 -16.52
C ALA C 148 14.19 32.16 -16.50
N MET C 149 14.58 33.40 -16.22
CA MET C 149 13.62 34.50 -16.19
C MET C 149 13.04 34.77 -17.57
N LEU C 150 13.84 34.55 -18.62
CA LEU C 150 13.37 34.82 -19.98
C LEU C 150 12.44 33.75 -20.52
N GLY C 151 12.29 32.62 -19.83
CA GLY C 151 11.37 31.58 -20.20
C GLY C 151 10.14 31.54 -19.30
N THR C 152 9.48 30.39 -19.29
CA THR C 152 8.36 30.19 -18.39
C THR C 152 8.87 30.07 -16.96
N HIS C 153 8.31 30.86 -16.05
CA HIS C 153 8.79 30.88 -14.69
C HIS C 153 7.76 31.55 -13.80
N VAL C 154 7.89 31.29 -12.50
CA VAL C 154 7.12 31.98 -11.47
C VAL C 154 8.09 32.47 -10.39
N ILE C 155 7.84 33.65 -9.87
CA ILE C 155 8.61 34.18 -8.75
C ILE C 155 7.94 33.72 -7.47
N TRP C 156 8.55 32.74 -6.80
CA TRP C 156 7.99 32.18 -5.58
C TRP C 156 8.49 33.00 -4.40
N ASP C 157 7.61 33.85 -3.86
CA ASP C 157 7.94 34.69 -2.72
C ASP C 157 7.66 33.92 -1.44
N VAL C 158 8.72 33.58 -0.71
CA VAL C 158 8.58 32.87 0.56
C VAL C 158 7.77 33.69 1.55
N GLY C 159 8.05 35.00 1.63
CA GLY C 159 7.38 35.83 2.61
C GLY C 159 5.87 35.85 2.45
N LEU C 160 5.38 35.82 1.21
CA LEU C 160 3.95 35.90 0.98
C LEU C 160 3.28 34.55 1.11
N GLN C 161 3.79 33.55 0.38
CA GLN C 161 3.18 32.23 0.40
C GLN C 161 4.27 31.17 0.58
N SER C 162 3.98 30.17 1.39
CA SER C 162 4.94 29.11 1.69
C SER C 162 4.81 27.91 0.76
N SER C 163 3.85 27.92 -0.16
CA SER C 163 3.68 26.83 -1.10
C SER C 163 3.46 27.39 -2.49
N CYS C 164 3.95 26.67 -3.50
CA CYS C 164 3.78 27.04 -4.89
C CYS C 164 3.34 25.82 -5.68
N VAL C 165 2.37 26.02 -6.57
CA VAL C 165 1.79 24.94 -7.35
C VAL C 165 2.03 25.23 -8.83
N LEU C 166 2.59 24.26 -9.54
CA LEU C 166 2.88 24.38 -10.96
C LEU C 166 2.26 23.20 -11.70
N CYS C 167 1.50 23.49 -12.75
CA CYS C 167 0.90 22.46 -13.60
C CYS C 167 1.64 22.47 -14.94
N ILE C 168 2.16 21.31 -15.33
CA ILE C 168 2.98 21.18 -16.53
C ILE C 168 2.14 20.56 -17.63
N PRO C 169 1.95 21.22 -18.77
CA PRO C 169 0.97 20.74 -19.75
C PRO C 169 1.45 19.57 -20.62
N TRP C 170 2.72 19.53 -20.96
CA TRP C 170 3.26 18.54 -21.89
C TRP C 170 4.18 17.59 -21.14
N ILE C 171 3.67 16.42 -20.78
CA ILE C 171 4.46 15.43 -20.07
C ILE C 171 4.68 14.21 -20.96
N SER C 172 3.67 13.34 -21.18
CA SER C 172 3.80 12.11 -22.03
C SER C 172 4.90 11.10 -21.59
N GLN C 173 4.89 9.84 -22.10
CA GLN C 173 6.05 8.93 -21.84
C GLN C 173 7.17 9.18 -22.84
N THR C 174 8.33 8.54 -22.67
CA THR C 174 9.44 8.86 -23.56
C THR C 174 9.99 7.66 -24.30
N HIS C 175 9.62 6.43 -23.91
CA HIS C 175 10.20 5.23 -24.51
C HIS C 175 9.17 4.11 -24.49
N TYR C 176 9.41 3.09 -25.32
CA TYR C 176 8.60 1.88 -25.24
C TYR C 176 9.00 1.04 -24.04
N ARG C 177 10.29 0.99 -23.73
CA ARG C 177 10.79 0.14 -22.65
C ARG C 177 11.95 0.80 -21.91
N THR C 185 17.09 13.74 -21.27
CA THR C 185 16.84 15.01 -21.95
C THR C 185 15.66 14.90 -22.89
N ALA C 186 15.32 16.02 -23.53
CA ALA C 186 14.19 16.11 -24.47
C ALA C 186 12.88 15.66 -23.84
N GLY C 187 12.68 16.00 -22.56
CA GLY C 187 11.45 15.68 -21.87
C GLY C 187 10.91 16.84 -21.08
N GLY C 188 11.67 17.91 -20.99
CA GLY C 188 11.32 19.06 -20.18
C GLY C 188 12.08 19.10 -18.87
N TYR C 189 12.22 20.31 -18.33
CA TYR C 189 12.94 20.52 -17.09
C TYR C 189 12.17 21.47 -16.18
N ILE C 190 12.35 21.29 -14.88
CA ILE C 190 11.89 22.24 -13.88
C ILE C 190 13.07 22.56 -12.97
N THR C 191 13.36 23.84 -12.80
CA THR C 191 14.52 24.29 -12.05
C THR C 191 14.11 25.39 -11.08
N CYS C 192 14.91 25.55 -10.04
CA CYS C 192 14.74 26.62 -9.07
C CYS C 192 16.02 27.43 -8.98
N TRP C 193 15.88 28.74 -8.79
CA TRP C 193 17.00 29.66 -8.73
C TRP C 193 16.83 30.61 -7.56
N TYR C 194 17.97 31.08 -7.05
CA TYR C 194 17.98 32.07 -5.97
C TYR C 194 17.80 33.45 -6.59
N GLN C 195 16.55 33.91 -6.64
CA GLN C 195 16.31 35.30 -6.99
C GLN C 195 16.88 36.22 -5.92
N THR C 196 16.55 35.96 -4.66
CA THR C 196 17.16 36.61 -3.52
C THR C 196 17.69 35.56 -2.58
N ASN C 197 18.27 36.01 -1.46
CA ASN C 197 18.68 35.10 -0.41
C ASN C 197 17.57 34.97 0.64
N ILE C 198 17.72 33.98 1.50
CA ILE C 198 16.77 33.79 2.61
C ILE C 198 17.19 34.71 3.75
N VAL C 199 16.26 35.55 4.20
CA VAL C 199 16.51 36.54 5.24
C VAL C 199 15.82 36.08 6.51
N VAL C 200 16.55 36.12 7.62
CA VAL C 200 16.03 35.65 8.91
C VAL C 200 16.27 36.71 9.96
N PRO C 201 15.42 36.80 11.00
CA PRO C 201 15.66 37.75 12.08
C PRO C 201 16.85 37.38 12.93
N ALA C 202 16.93 36.12 13.34
CA ALA C 202 17.96 35.65 14.25
C ALA C 202 18.81 34.58 13.57
N ASP C 203 19.85 34.15 14.27
CA ASP C 203 20.84 33.22 13.75
C ASP C 203 20.35 31.80 13.99
N THR C 204 20.01 31.10 12.91
CA THR C 204 19.67 29.69 12.99
C THR C 204 20.83 28.86 12.43
N GLN C 205 21.24 27.84 13.19
CA GLN C 205 22.39 27.04 12.78
C GLN C 205 22.07 26.16 11.58
N SER C 206 20.86 25.63 11.52
CA SER C 206 20.45 24.75 10.44
C SER C 206 19.84 25.53 9.30
N ASP C 207 19.98 24.99 8.09
CA ASP C 207 19.47 25.64 6.90
C ASP C 207 18.00 25.25 6.67
N CYS C 208 17.31 26.08 5.89
CA CYS C 208 15.93 25.79 5.55
C CYS C 208 15.85 24.66 4.53
N LYS C 209 14.69 24.01 4.48
CA LYS C 209 14.46 22.90 3.57
C LYS C 209 13.22 23.17 2.74
N ILE C 210 13.22 22.62 1.52
CA ILE C 210 12.09 22.71 0.61
C ILE C 210 11.61 21.29 0.32
N LEU C 211 10.31 21.07 0.46
CA LEU C 211 9.70 19.78 0.16
C LEU C 211 8.98 19.85 -1.17
N CYS C 212 9.12 18.81 -1.98
CA CYS C 212 8.50 18.74 -3.29
C CYS C 212 7.41 17.67 -3.30
N PHE C 213 6.32 17.96 -4.00
CA PHE C 213 5.22 17.03 -4.16
C PHE C 213 4.81 16.96 -5.61
N VAL C 214 4.62 15.75 -6.11
CA VAL C 214 4.17 15.53 -7.48
C VAL C 214 2.82 14.83 -7.41
N SER C 215 2.00 15.09 -8.42
CA SER C 215 0.64 14.56 -8.46
C SER C 215 0.18 14.48 -9.89
N ALA C 216 -0.88 13.71 -10.10
CA ALA C 216 -1.48 13.57 -11.42
C ALA C 216 -2.69 14.48 -11.55
N CYS C 217 -2.79 15.16 -12.69
CA CYS C 217 -4.01 15.89 -13.00
C CYS C 217 -5.00 14.96 -13.68
N ASN C 218 -6.24 15.44 -13.82
CA ASN C 218 -7.32 14.59 -14.28
C ASN C 218 -7.19 14.16 -15.75
N ASP C 219 -6.15 14.60 -16.45
CA ASP C 219 -6.06 14.36 -17.88
C ASP C 219 -5.09 13.25 -18.30
N PHE C 220 -4.51 12.50 -17.35
CA PHE C 220 -3.70 11.34 -17.73
C PHE C 220 -4.53 10.22 -18.34
N SER C 221 -3.95 9.57 -19.35
CA SER C 221 -4.40 8.31 -19.88
C SER C 221 -3.30 7.27 -19.69
N VAL C 222 -3.70 6.02 -19.57
CA VAL C 222 -2.77 4.89 -19.59
C VAL C 222 -3.40 3.81 -20.46
N ARG C 223 -2.59 3.19 -21.31
CA ARG C 223 -3.17 2.46 -22.43
C ARG C 223 -2.71 1.01 -22.56
N MET C 224 -1.50 0.69 -22.10
CA MET C 224 -0.94 -0.64 -22.29
C MET C 224 -0.29 -1.11 -21.00
N LEU C 225 -1.01 -1.93 -20.23
CA LEU C 225 -0.50 -2.47 -18.98
C LEU C 225 0.69 -3.38 -19.23
N LYS C 226 1.65 -3.36 -18.30
CA LYS C 226 2.85 -4.17 -18.39
C LYS C 226 3.35 -4.46 -16.99
N ASP C 227 4.39 -5.30 -16.92
CA ASP C 227 5.03 -5.61 -15.65
C ASP C 227 5.91 -4.45 -15.20
N THR C 228 5.82 -4.11 -13.91
CA THR C 228 6.65 -3.05 -13.37
C THR C 228 8.11 -3.50 -13.29
N PRO C 229 9.05 -2.58 -13.48
CA PRO C 229 10.47 -2.94 -13.41
C PRO C 229 11.10 -2.83 -12.03
N PHE C 230 10.31 -2.70 -10.96
CA PHE C 230 10.83 -2.49 -9.62
C PHE C 230 10.55 -3.67 -8.70
N ILE C 231 10.23 -4.83 -9.25
CA ILE C 231 10.04 -6.04 -8.46
C ILE C 231 10.68 -7.19 -9.21
N LYS C 232 11.35 -8.08 -8.47
CA LYS C 232 12.08 -9.19 -9.07
C LYS C 232 11.78 -10.46 -8.30
N GLN C 233 11.58 -11.56 -9.02
CA GLN C 233 11.34 -12.88 -8.44
C GLN C 233 12.06 -13.90 -9.33
N ASP C 234 13.29 -14.23 -8.96
CA ASP C 234 14.13 -15.11 -9.76
C ASP C 234 14.05 -16.57 -9.32
N ASN C 235 13.31 -16.88 -8.27
CA ASN C 235 13.20 -18.25 -7.81
C ASN C 235 11.93 -18.42 -6.99
N PHE C 236 11.50 -19.67 -6.85
CA PHE C 236 10.29 -19.98 -6.10
C PHE C 236 10.53 -19.82 -4.61
N TYR C 237 9.45 -19.57 -3.87
CA TYR C 237 9.52 -19.39 -2.42
C TYR C 237 9.38 -20.70 -1.66
N GLN C 238 9.06 -21.81 -2.35
CA GLN C 238 8.84 -23.07 -1.68
C GLN C 238 9.81 -24.14 -2.19
#